data_3QSE
#
_entry.id   3QSE
#
_cell.length_a   71.172
_cell.length_b   69.724
_cell.length_c   72.945
_cell.angle_alpha   90.00
_cell.angle_beta   92.32
_cell.angle_gamma   90.00
#
_symmetry.space_group_name_H-M   'P 1 21 1'
#
loop_
_entity.id
_entity.type
_entity.pdbx_description
1 polymer 'Monomeric sarcosine oxidase'
2 non-polymer 'FLAVIN-ADENINE DINUCLEOTIDE'
3 non-polymer 'CHLORIDE ION'
4 non-polymer SARCOSINE
5 water water
#
_entity_poly.entity_id   1
_entity_poly.type   'polypeptide(L)'
_entity_poly.pdbx_seq_one_letter_code
;STHFDVIVVGAGSMGMAAGYQLAKQGVKTLLVDAFDPPHTNGSHHGDTRIIRHAYGEGREYVPLALRSQELWYELEKETH
HKIFTKTGVLVFGPKGESAFVAETMEAAKEHSLTVDLLEGDEINKRWPGITVPENYNAIFEPNSGVLFSENCIRAYRELA
EARGAKVLTHTRVEDFDISPDSVKIETANGSYTADKLIVSMGAWNSKLLSKLNLDIPLQPYRQVVGFFESDESKYSNDID
FPGFMVEVPNGIYYGFPSFGGCGLKLGYHTFGQKIDPDTINREFGVYPEDESNLRAFLEEYMPGANGELKRGAVCMYTKT
LDEHFIIDLHPEHSNVVIAAGFSGHGFKFSSGVGEVLSQLALTGKTEHDISIFSINRPALKESLQKTTI
;
_entity_poly.pdbx_strand_id   A,B
#
# COMPACT_ATOMS: atom_id res chain seq x y z
N SER A 1 -0.62 0.63 -36.31
CA SER A 1 -1.17 1.19 -35.03
C SER A 1 -2.69 1.00 -34.94
N THR A 2 -3.22 0.13 -35.79
CA THR A 2 -4.65 -0.14 -35.82
C THR A 2 -4.95 -1.63 -35.73
N HIS A 3 -3.92 -2.45 -35.94
CA HIS A 3 -4.06 -3.90 -35.80
C HIS A 3 -3.24 -4.24 -34.56
N PHE A 4 -3.78 -5.12 -33.73
CA PHE A 4 -3.12 -5.53 -32.50
C PHE A 4 -3.21 -7.02 -32.34
N ASP A 5 -2.47 -7.55 -31.37
CA ASP A 5 -2.53 -8.98 -31.12
C ASP A 5 -3.87 -9.25 -30.44
N VAL A 6 -4.21 -8.42 -29.46
CA VAL A 6 -5.46 -8.57 -28.69
C VAL A 6 -6.10 -7.20 -28.43
N ILE A 7 -7.41 -7.17 -28.49
CA ILE A 7 -8.17 -5.96 -28.19
C ILE A 7 -9.09 -6.30 -27.01
N VAL A 8 -9.05 -5.44 -25.99
CA VAL A 8 -9.92 -5.58 -24.83
C VAL A 8 -10.96 -4.45 -24.94
N VAL A 9 -12.25 -4.80 -24.99
CA VAL A 9 -13.31 -3.78 -25.04
C VAL A 9 -13.87 -3.65 -23.61
N GLY A 10 -13.65 -2.49 -23.01
CA GLY A 10 -14.07 -2.26 -21.64
C GLY A 10 -12.84 -2.45 -20.76
N ALA A 11 -12.16 -1.36 -20.46
CA ALA A 11 -10.95 -1.42 -19.65
C ALA A 11 -11.19 -1.04 -18.19
N GLY A 12 -12.13 -1.75 -17.57
CA GLY A 12 -12.47 -1.53 -16.18
C GLY A 12 -11.84 -2.57 -15.28
N SER A 13 -12.59 -3.01 -14.27
CA SER A 13 -12.10 -4.00 -13.30
C SER A 13 -11.46 -5.23 -13.95
N MET A 14 -12.21 -5.89 -14.82
CA MET A 14 -11.71 -7.09 -15.46
C MET A 14 -10.80 -6.80 -16.66
N GLY A 15 -11.21 -5.85 -17.48
CA GLY A 15 -10.44 -5.52 -18.67
C GLY A 15 -9.06 -4.98 -18.43
N MET A 16 -8.92 -4.11 -17.43
CA MET A 16 -7.61 -3.53 -17.17
C MET A 16 -6.67 -4.58 -16.56
N ALA A 17 -7.23 -5.49 -15.77
CA ALA A 17 -6.41 -6.57 -15.17
C ALA A 17 -5.92 -7.48 -16.30
N ALA A 18 -6.80 -7.81 -17.24
CA ALA A 18 -6.40 -8.64 -18.39
C ALA A 18 -5.33 -7.89 -19.20
N GLY A 19 -5.51 -6.58 -19.37
CA GLY A 19 -4.53 -5.81 -20.13
C GLY A 19 -3.13 -5.84 -19.52
N TYR A 20 -3.07 -5.76 -18.20
CA TYR A 20 -1.81 -5.82 -17.48
C TYR A 20 -1.16 -7.20 -17.69
N GLN A 21 -1.95 -8.25 -17.52
CA GLN A 21 -1.44 -9.61 -17.70
C GLN A 21 -0.92 -9.82 -19.13
N LEU A 22 -1.62 -9.27 -20.12
CA LEU A 22 -1.19 -9.44 -21.51
C LEU A 22 0.08 -8.64 -21.82
N ALA A 23 0.14 -7.39 -21.37
CA ALA A 23 1.29 -6.54 -21.61
C ALA A 23 2.56 -7.10 -20.98
N LYS A 24 2.38 -7.62 -19.78
CA LYS A 24 3.45 -8.22 -18.99
C LYS A 24 4.16 -9.32 -19.78
N GLN A 25 3.47 -9.88 -20.77
CA GLN A 25 4.03 -10.95 -21.58
C GLN A 25 4.47 -10.51 -22.97
N GLY A 26 4.51 -9.20 -23.19
CA GLY A 26 4.93 -8.68 -24.48
C GLY A 26 3.88 -8.76 -25.57
N VAL A 27 2.64 -9.09 -25.22
CA VAL A 27 1.57 -9.18 -26.21
C VAL A 27 1.08 -7.77 -26.52
N LYS A 28 1.03 -7.40 -27.80
CA LYS A 28 0.59 -6.05 -28.18
C LYS A 28 -0.92 -5.94 -28.03
N THR A 29 -1.32 -5.13 -27.05
CA THR A 29 -2.72 -5.01 -26.69
C THR A 29 -3.29 -3.61 -26.79
N LEU A 30 -4.55 -3.52 -27.20
CA LEU A 30 -5.26 -2.24 -27.25
C LEU A 30 -6.47 -2.40 -26.33
N LEU A 31 -6.57 -1.49 -25.37
CA LEU A 31 -7.71 -1.48 -24.45
C LEU A 31 -8.54 -0.27 -24.83
N VAL A 32 -9.84 -0.48 -25.04
CA VAL A 32 -10.73 0.61 -25.44
C VAL A 32 -11.82 0.81 -24.39
N ASP A 33 -12.01 2.05 -23.94
CA ASP A 33 -13.03 2.31 -22.95
C ASP A 33 -13.81 3.55 -23.33
N ALA A 34 -15.11 3.53 -23.02
CA ALA A 34 -16.03 4.64 -23.31
C ALA A 34 -15.70 5.86 -22.47
N PHE A 35 -14.99 5.62 -21.38
CA PHE A 35 -14.57 6.68 -20.47
C PHE A 35 -13.06 6.64 -20.24
N ASP A 36 -12.60 7.03 -19.05
CA ASP A 36 -11.16 7.06 -18.72
C ASP A 36 -10.99 6.41 -17.35
N PRO A 37 -10.82 5.07 -17.33
CA PRO A 37 -10.66 4.30 -16.08
C PRO A 37 -9.45 4.66 -15.24
N PRO A 38 -9.64 4.69 -13.90
CA PRO A 38 -10.90 4.42 -13.22
C PRO A 38 -11.82 5.64 -13.29
N HIS A 39 -13.14 5.42 -13.35
CA HIS A 39 -14.10 6.51 -13.43
C HIS A 39 -15.33 6.24 -12.56
N THR A 40 -16.34 7.11 -12.62
CA THR A 40 -17.52 6.88 -11.80
C THR A 40 -18.77 6.51 -12.58
N ASN A 41 -18.61 6.01 -13.81
CA ASN A 41 -19.76 5.66 -14.63
C ASN A 41 -20.01 4.16 -14.72
N GLY A 42 -19.09 3.38 -14.19
CA GLY A 42 -19.23 1.94 -14.25
C GLY A 42 -19.56 1.29 -12.92
N SER A 43 -18.83 0.22 -12.61
CA SER A 43 -19.05 -0.57 -11.40
C SER A 43 -17.87 -0.62 -10.41
N HIS A 44 -16.86 0.20 -10.62
CA HIS A 44 -15.68 0.11 -9.76
C HIS A 44 -15.37 1.26 -8.83
N HIS A 45 -16.19 2.31 -8.83
CA HIS A 45 -15.89 3.44 -7.97
C HIS A 45 -16.50 3.30 -6.57
N GLY A 46 -16.23 4.28 -5.70
CA GLY A 46 -16.72 4.20 -4.33
C GLY A 46 -15.53 3.91 -3.41
N ASP A 47 -14.33 4.02 -3.99
CA ASP A 47 -13.06 3.83 -3.27
C ASP A 47 -12.65 2.43 -2.82
N THR A 48 -13.54 1.76 -2.11
CA THR A 48 -13.22 0.46 -1.54
C THR A 48 -14.07 -0.75 -1.92
N ARG A 49 -13.48 -1.93 -1.83
CA ARG A 49 -14.20 -3.15 -2.15
C ARG A 49 -13.70 -4.22 -1.19
N ILE A 50 -14.59 -5.10 -0.76
CA ILE A 50 -14.24 -6.18 0.15
C ILE A 50 -13.67 -7.37 -0.61
N ILE A 51 -12.66 -8.01 -0.01
CA ILE A 51 -12.18 -9.27 -0.56
C ILE A 51 -12.36 -10.24 0.61
N ARG A 52 -13.01 -11.36 0.32
CA ARG A 52 -13.25 -12.42 1.30
C ARG A 52 -12.66 -13.67 0.64
N HIS A 53 -12.24 -14.63 1.47
CA HIS A 53 -11.70 -15.91 0.98
C HIS A 53 -12.74 -16.99 1.30
N ALA A 54 -13.15 -17.11 2.57
CA ALA A 54 -14.21 -18.05 2.96
C ALA A 54 -15.37 -17.44 2.21
N TYR A 55 -15.87 -18.14 1.20
CA TYR A 55 -16.89 -17.57 0.33
C TYR A 55 -18.34 -18.04 0.45
N GLY A 56 -19.17 -17.16 1.01
CA GLY A 56 -20.59 -17.43 1.24
C GLY A 56 -21.41 -17.74 0.01
N GLU A 57 -21.01 -17.18 -1.14
CA GLU A 57 -21.73 -17.39 -2.39
C GLU A 57 -21.43 -18.78 -2.94
N GLY A 58 -20.39 -19.42 -2.40
CA GLY A 58 -20.04 -20.74 -2.86
C GLY A 58 -18.59 -21.06 -2.59
N ARG A 59 -18.37 -22.20 -1.95
CA ARG A 59 -17.03 -22.65 -1.61
C ARG A 59 -16.16 -22.85 -2.86
N GLU A 60 -16.79 -23.04 -4.01
CA GLU A 60 -16.02 -23.25 -5.25
C GLU A 60 -15.25 -22.02 -5.72
N TYR A 61 -15.54 -20.86 -5.14
CA TYR A 61 -14.84 -19.61 -5.49
C TYR A 61 -13.53 -19.45 -4.71
N VAL A 62 -13.33 -20.25 -3.68
CA VAL A 62 -12.13 -20.11 -2.85
C VAL A 62 -10.79 -20.09 -3.59
N PRO A 63 -10.52 -21.09 -4.45
CA PRO A 63 -9.25 -21.08 -5.17
C PRO A 63 -8.99 -19.76 -5.91
N LEU A 64 -9.98 -19.26 -6.64
CA LEU A 64 -9.81 -18.02 -7.37
C LEU A 64 -9.63 -16.86 -6.38
N ALA A 65 -10.30 -16.95 -5.24
CA ALA A 65 -10.17 -15.91 -4.22
C ALA A 65 -8.73 -15.88 -3.72
N LEU A 66 -8.18 -17.06 -3.41
CA LEU A 66 -6.81 -17.14 -2.91
C LEU A 66 -5.76 -16.70 -3.94
N ARG A 67 -5.96 -17.08 -5.19
CA ARG A 67 -5.01 -16.66 -6.22
C ARG A 67 -5.10 -15.14 -6.37
N SER A 68 -6.32 -14.62 -6.36
CA SER A 68 -6.52 -13.18 -6.49
C SER A 68 -5.84 -12.46 -5.33
N GLN A 69 -5.98 -12.99 -4.10
CA GLN A 69 -5.34 -12.36 -2.95
C GLN A 69 -3.81 -12.28 -3.17
N GLU A 70 -3.21 -13.38 -3.63
CA GLU A 70 -1.76 -13.40 -3.87
C GLU A 70 -1.39 -12.37 -4.93
N LEU A 71 -2.23 -12.22 -5.96
CA LEU A 71 -1.98 -11.25 -7.03
C LEU A 71 -2.13 -9.81 -6.52
N TRP A 72 -2.99 -9.59 -5.54
CA TRP A 72 -3.16 -8.24 -4.99
C TRP A 72 -1.91 -7.88 -4.17
N TYR A 73 -1.32 -8.86 -3.47
CA TYR A 73 -0.10 -8.59 -2.73
C TYR A 73 1.01 -8.28 -3.73
N GLU A 74 1.04 -8.96 -4.88
CA GLU A 74 2.07 -8.71 -5.90
C GLU A 74 1.92 -7.29 -6.46
N LEU A 75 0.68 -6.86 -6.65
CA LEU A 75 0.43 -5.52 -7.19
C LEU A 75 0.90 -4.46 -6.21
N GLU A 76 0.59 -4.69 -4.93
CA GLU A 76 1.00 -3.79 -3.86
C GLU A 76 2.50 -3.53 -3.98
N LYS A 77 3.27 -4.58 -4.21
CA LYS A 77 4.72 -4.39 -4.32
C LYS A 77 5.20 -3.77 -5.62
N GLU A 78 4.33 -3.70 -6.62
CA GLU A 78 4.73 -3.19 -7.92
C GLU A 78 4.40 -1.72 -8.16
N THR A 79 3.49 -1.17 -7.37
CA THR A 79 3.07 0.22 -7.60
C THR A 79 3.21 1.08 -6.35
N HIS A 80 3.06 2.39 -6.52
CA HIS A 80 3.13 3.31 -5.38
C HIS A 80 1.73 3.56 -4.83
N HIS A 81 0.70 3.09 -5.55
CA HIS A 81 -0.70 3.24 -5.12
C HIS A 81 -1.06 2.22 -4.04
N LYS A 82 -1.84 2.63 -3.05
CA LYS A 82 -2.25 1.69 -2.00
C LYS A 82 -3.25 0.72 -2.58
N ILE A 83 -3.01 -0.57 -2.36
CA ILE A 83 -3.86 -1.62 -2.91
C ILE A 83 -4.77 -2.36 -1.93
N PHE A 84 -4.18 -2.78 -0.80
CA PHE A 84 -4.89 -3.60 0.16
C PHE A 84 -4.59 -3.33 1.64
N THR A 85 -5.63 -3.39 2.47
CA THR A 85 -5.48 -3.22 3.92
C THR A 85 -6.18 -4.46 4.52
N LYS A 86 -5.48 -5.16 5.42
CA LYS A 86 -6.00 -6.38 6.04
C LYS A 86 -6.89 -6.05 7.26
N THR A 87 -8.12 -5.61 6.97
CA THR A 87 -9.08 -5.25 8.02
C THR A 87 -9.73 -6.47 8.62
N GLY A 88 -9.66 -7.57 7.86
CA GLY A 88 -10.33 -8.79 8.28
C GLY A 88 -11.77 -8.59 7.83
N VAL A 89 -12.54 -9.65 7.74
CA VAL A 89 -13.94 -9.51 7.31
C VAL A 89 -14.85 -10.30 8.25
N LEU A 90 -15.84 -9.61 8.80
CA LEU A 90 -16.80 -10.23 9.70
C LEU A 90 -18.10 -10.58 8.98
N VAL A 91 -18.54 -11.81 9.16
CA VAL A 91 -19.80 -12.29 8.58
C VAL A 91 -20.67 -12.80 9.74
N PHE A 92 -21.87 -12.23 9.90
CA PHE A 92 -22.76 -12.71 10.95
C PHE A 92 -24.22 -12.75 10.50
N GLY A 93 -25.04 -13.43 11.30
CA GLY A 93 -26.45 -13.55 10.98
C GLY A 93 -27.16 -14.34 12.06
N PRO A 94 -28.50 -14.38 12.05
CA PRO A 94 -29.22 -15.13 13.07
C PRO A 94 -28.79 -16.59 12.96
N LYS A 95 -28.51 -17.21 14.09
CA LYS A 95 -28.06 -18.59 14.14
C LYS A 95 -29.02 -19.55 13.42
N GLY A 96 -28.47 -20.32 12.49
CA GLY A 96 -29.27 -21.28 11.74
C GLY A 96 -30.29 -20.69 10.78
N GLU A 97 -30.15 -19.41 10.46
CA GLU A 97 -31.10 -18.77 9.55
C GLU A 97 -30.45 -17.95 8.47
N SER A 98 -29.20 -18.27 8.17
CA SER A 98 -28.47 -17.56 7.12
C SER A 98 -27.70 -18.55 6.27
N ALA A 99 -28.12 -18.71 5.03
CA ALA A 99 -27.44 -19.62 4.12
C ALA A 99 -26.05 -19.08 3.84
N PHE A 100 -25.94 -17.76 3.80
CA PHE A 100 -24.67 -17.09 3.52
C PHE A 100 -23.65 -17.36 4.62
N VAL A 101 -24.07 -17.22 5.87
CA VAL A 101 -23.16 -17.48 6.99
C VAL A 101 -22.74 -18.94 6.95
N ALA A 102 -23.73 -19.82 6.80
CA ALA A 102 -23.48 -21.26 6.77
C ALA A 102 -22.47 -21.68 5.71
N GLU A 103 -22.65 -21.23 4.48
CA GLU A 103 -21.71 -21.58 3.40
C GLU A 103 -20.32 -20.97 3.63
N THR A 104 -20.25 -19.82 4.29
CA THR A 104 -18.96 -19.19 4.56
C THR A 104 -18.20 -20.10 5.52
N MET A 105 -18.89 -20.55 6.56
CA MET A 105 -18.27 -21.45 7.54
C MET A 105 -17.83 -22.76 6.88
N GLU A 106 -18.69 -23.32 6.04
CA GLU A 106 -18.37 -24.56 5.35
C GLU A 106 -17.21 -24.37 4.38
N ALA A 107 -17.21 -23.23 3.69
CA ALA A 107 -16.12 -22.95 2.77
C ALA A 107 -14.79 -22.85 3.54
N ALA A 108 -14.81 -22.25 4.73
CA ALA A 108 -13.62 -22.11 5.56
C ALA A 108 -13.10 -23.48 5.98
N LYS A 109 -14.00 -24.31 6.51
CA LYS A 109 -13.63 -25.64 6.94
C LYS A 109 -13.02 -26.44 5.79
N GLU A 110 -13.66 -26.40 4.65
CA GLU A 110 -13.21 -27.15 3.48
C GLU A 110 -11.85 -26.75 2.91
N HIS A 111 -11.49 -25.47 3.03
CA HIS A 111 -10.22 -25.02 2.49
C HIS A 111 -9.17 -24.71 3.54
N SER A 112 -9.46 -25.11 4.77
CA SER A 112 -8.58 -24.89 5.89
C SER A 112 -8.19 -23.41 6.03
N LEU A 113 -9.19 -22.53 5.97
CA LEU A 113 -8.92 -21.11 6.10
C LEU A 113 -8.94 -20.72 7.58
N THR A 114 -8.13 -19.74 7.93
CA THR A 114 -8.03 -19.27 9.31
C THR A 114 -9.23 -18.37 9.64
N VAL A 115 -10.04 -18.77 10.61
CA VAL A 115 -11.20 -17.99 11.00
C VAL A 115 -11.49 -18.12 12.48
N ASP A 116 -12.24 -17.15 13.01
CA ASP A 116 -12.65 -17.17 14.42
C ASP A 116 -14.15 -17.33 14.40
N LEU A 117 -14.67 -18.24 15.20
CA LEU A 117 -16.12 -18.46 15.29
C LEU A 117 -16.61 -17.92 16.62
N LEU A 118 -17.61 -17.06 16.59
CA LEU A 118 -18.13 -16.51 17.84
C LEU A 118 -19.63 -16.25 17.76
N GLU A 119 -20.26 -15.97 18.89
CA GLU A 119 -21.70 -15.75 18.89
C GLU A 119 -22.22 -14.81 19.98
N GLY A 120 -23.42 -14.31 19.75
CA GLY A 120 -24.06 -13.42 20.70
C GLY A 120 -23.24 -12.27 21.24
N ASP A 121 -23.22 -12.16 22.56
CA ASP A 121 -22.50 -11.07 23.21
C ASP A 121 -20.98 -11.09 22.94
N GLU A 122 -20.44 -12.23 22.53
CA GLU A 122 -19.00 -12.31 22.25
C GLU A 122 -18.67 -11.39 21.09
N ILE A 123 -19.64 -11.20 20.20
CA ILE A 123 -19.45 -10.34 19.03
C ILE A 123 -19.45 -8.91 19.50
N ASN A 124 -20.43 -8.58 20.35
CA ASN A 124 -20.57 -7.24 20.87
C ASN A 124 -19.39 -6.87 21.75
N LYS A 125 -18.87 -7.84 22.48
CA LYS A 125 -17.72 -7.58 23.35
C LYS A 125 -16.45 -7.31 22.55
N ARG A 126 -16.18 -8.14 21.55
CA ARG A 126 -14.98 -7.98 20.74
C ARG A 126 -14.96 -6.68 19.94
N TRP A 127 -16.09 -6.33 19.32
CA TRP A 127 -16.14 -5.11 18.55
C TRP A 127 -17.10 -4.05 19.06
N PRO A 128 -16.65 -3.21 20.00
CA PRO A 128 -17.54 -2.17 20.49
C PRO A 128 -18.04 -1.44 19.25
N GLY A 129 -19.34 -1.25 19.15
CA GLY A 129 -19.86 -0.57 17.98
C GLY A 129 -20.82 -1.47 17.25
N ILE A 130 -20.74 -2.77 17.52
CA ILE A 130 -21.65 -3.72 16.90
C ILE A 130 -22.62 -4.21 17.97
N THR A 131 -23.90 -4.20 17.66
CA THR A 131 -24.90 -4.66 18.62
C THR A 131 -25.80 -5.68 17.93
N VAL A 132 -25.55 -6.96 18.18
CA VAL A 132 -26.38 -8.00 17.57
C VAL A 132 -27.12 -8.77 18.66
N PRO A 133 -28.24 -9.43 18.31
CA PRO A 133 -29.00 -10.20 19.31
C PRO A 133 -28.18 -11.40 19.79
N GLU A 134 -28.55 -11.95 20.93
CA GLU A 134 -27.84 -13.09 21.50
C GLU A 134 -27.91 -14.34 20.63
N ASN A 135 -28.94 -14.44 19.79
CA ASN A 135 -29.09 -15.62 18.95
C ASN A 135 -28.28 -15.55 17.65
N TYR A 136 -27.50 -14.48 17.48
CA TYR A 136 -26.68 -14.35 16.28
C TYR A 136 -25.34 -15.04 16.45
N ASN A 137 -24.79 -15.55 15.35
CA ASN A 137 -23.50 -16.18 15.40
C ASN A 137 -22.68 -15.58 14.26
N ALA A 138 -21.36 -15.71 14.34
CA ALA A 138 -20.51 -15.11 13.32
C ALA A 138 -19.25 -15.89 13.03
N ILE A 139 -18.63 -15.53 11.92
CA ILE A 139 -17.36 -16.11 11.50
C ILE A 139 -16.54 -14.92 11.03
N PHE A 140 -15.34 -14.77 11.60
CA PHE A 140 -14.45 -13.67 11.28
C PHE A 140 -13.21 -14.21 10.59
N GLU A 141 -12.87 -13.59 9.46
CA GLU A 141 -11.71 -14.00 8.68
C GLU A 141 -10.71 -12.88 8.86
N PRO A 142 -9.72 -13.09 9.72
CA PRO A 142 -8.73 -12.03 9.95
C PRO A 142 -7.80 -11.65 8.81
N ASN A 143 -7.55 -12.56 7.87
CA ASN A 143 -6.59 -12.27 6.83
C ASN A 143 -7.11 -11.79 5.48
N SER A 144 -8.41 -11.53 5.39
CA SER A 144 -8.98 -11.00 4.16
C SER A 144 -9.13 -9.51 4.48
N GLY A 145 -9.79 -8.75 3.63
CA GLY A 145 -9.86 -7.33 3.98
C GLY A 145 -10.45 -6.42 2.93
N VAL A 146 -9.80 -5.27 2.74
CA VAL A 146 -10.28 -4.26 1.82
C VAL A 146 -9.31 -3.90 0.73
N LEU A 147 -9.82 -3.81 -0.49
CA LEU A 147 -9.03 -3.41 -1.64
C LEU A 147 -9.44 -1.98 -2.01
N PHE A 148 -8.50 -1.18 -2.49
CA PHE A 148 -8.81 0.18 -2.96
C PHE A 148 -8.95 0.07 -4.48
N SER A 149 -10.16 -0.28 -4.88
CA SER A 149 -10.53 -0.54 -6.26
C SER A 149 -10.09 0.44 -7.33
N GLU A 150 -10.24 1.73 -7.08
CA GLU A 150 -9.81 2.71 -8.07
C GLU A 150 -8.31 2.69 -8.22
N ASN A 151 -7.60 2.51 -7.10
CA ASN A 151 -6.14 2.43 -7.12
C ASN A 151 -5.72 1.17 -7.89
N CYS A 152 -6.44 0.07 -7.69
CA CYS A 152 -6.11 -1.18 -8.40
C CYS A 152 -6.13 -0.98 -9.93
N ILE A 153 -7.21 -0.37 -10.42
CA ILE A 153 -7.33 -0.14 -11.86
C ILE A 153 -6.29 0.85 -12.36
N ARG A 154 -6.06 1.92 -11.62
CA ARG A 154 -5.04 2.89 -12.02
C ARG A 154 -3.66 2.26 -12.06
N ALA A 155 -3.32 1.43 -11.07
CA ALA A 155 -2.00 0.81 -11.06
C ALA A 155 -1.87 -0.17 -12.23
N TYR A 156 -2.87 -1.03 -12.42
CA TYR A 156 -2.81 -1.96 -13.53
C TYR A 156 -2.67 -1.20 -14.85
N ARG A 157 -3.37 -0.08 -14.98
CA ARG A 157 -3.26 0.68 -16.21
C ARG A 157 -1.86 1.24 -16.45
N GLU A 158 -1.31 1.89 -15.42
CA GLU A 158 0.02 2.47 -15.51
C GLU A 158 1.06 1.43 -15.85
N LEU A 159 0.97 0.28 -15.20
CA LEU A 159 1.91 -0.80 -15.43
C LEU A 159 1.78 -1.34 -16.85
N ALA A 160 0.55 -1.56 -17.29
CA ALA A 160 0.30 -2.09 -18.62
C ALA A 160 0.77 -1.13 -19.70
N GLU A 161 0.47 0.16 -19.54
CA GLU A 161 0.91 1.14 -20.53
C GLU A 161 2.42 1.24 -20.56
N ALA A 162 3.05 1.15 -19.39
CA ALA A 162 4.51 1.24 -19.35
C ALA A 162 5.11 0.08 -20.14
N ARG A 163 4.41 -1.05 -20.14
CA ARG A 163 4.86 -2.26 -20.84
C ARG A 163 4.46 -2.28 -22.31
N GLY A 164 3.79 -1.22 -22.76
CA GLY A 164 3.42 -1.12 -24.16
C GLY A 164 1.96 -1.19 -24.55
N ALA A 165 1.10 -1.45 -23.58
CA ALA A 165 -0.32 -1.55 -23.87
C ALA A 165 -0.78 -0.16 -24.26
N LYS A 166 -1.72 -0.09 -25.20
CA LYS A 166 -2.25 1.21 -25.63
C LYS A 166 -3.65 1.32 -25.07
N VAL A 167 -4.01 2.50 -24.58
CA VAL A 167 -5.35 2.67 -24.03
C VAL A 167 -6.09 3.78 -24.75
N LEU A 168 -7.18 3.42 -25.41
CA LEU A 168 -7.96 4.41 -26.15
C LEU A 168 -9.18 4.73 -25.31
N THR A 169 -9.19 5.95 -24.76
CA THR A 169 -10.27 6.42 -23.87
C THR A 169 -11.39 7.24 -24.52
N HIS A 170 -12.48 7.42 -23.80
CA HIS A 170 -13.63 8.18 -24.29
C HIS A 170 -14.07 7.68 -25.66
N THR A 171 -13.89 6.39 -25.90
CA THR A 171 -14.22 5.81 -27.19
C THR A 171 -15.15 4.61 -27.03
N ARG A 172 -16.42 4.84 -27.32
CA ARG A 172 -17.41 3.81 -27.19
C ARG A 172 -17.42 2.88 -28.38
N VAL A 173 -17.30 1.59 -28.12
CA VAL A 173 -17.36 0.60 -29.17
C VAL A 173 -18.84 0.47 -29.51
N GLU A 174 -19.16 0.57 -30.81
CA GLU A 174 -20.53 0.50 -31.28
C GLU A 174 -20.92 -0.80 -31.98
N ASP A 175 -19.95 -1.58 -32.42
CA ASP A 175 -20.28 -2.84 -33.08
C ASP A 175 -19.05 -3.71 -33.23
N PHE A 176 -19.29 -4.97 -33.52
CA PHE A 176 -18.26 -5.97 -33.69
C PHE A 176 -18.42 -6.69 -35.02
N ASP A 177 -17.30 -7.09 -35.61
CA ASP A 177 -17.27 -7.83 -36.86
C ASP A 177 -16.28 -8.97 -36.61
N ILE A 178 -16.79 -10.16 -36.32
CA ILE A 178 -15.91 -11.30 -36.05
C ILE A 178 -15.75 -12.22 -37.24
N SER A 179 -14.52 -12.67 -37.47
CA SER A 179 -14.21 -13.56 -38.58
C SER A 179 -13.52 -14.80 -38.05
N PRO A 180 -13.33 -15.80 -38.90
CA PRO A 180 -12.68 -17.04 -38.47
C PRO A 180 -11.28 -16.82 -37.91
N ASP A 181 -10.54 -15.90 -38.50
CA ASP A 181 -9.16 -15.62 -38.10
C ASP A 181 -8.81 -14.21 -37.65
N SER A 182 -9.81 -13.43 -37.25
CA SER A 182 -9.55 -12.09 -36.76
C SER A 182 -10.82 -11.52 -36.16
N VAL A 183 -10.68 -10.38 -35.49
CA VAL A 183 -11.80 -9.71 -34.85
C VAL A 183 -11.71 -8.23 -35.20
N LYS A 184 -12.84 -7.55 -35.19
CA LYS A 184 -12.86 -6.12 -35.52
C LYS A 184 -13.90 -5.38 -34.70
N ILE A 185 -13.57 -4.16 -34.29
CA ILE A 185 -14.49 -3.32 -33.54
C ILE A 185 -14.69 -2.00 -34.27
N GLU A 186 -15.89 -1.44 -34.16
CA GLU A 186 -16.23 -0.16 -34.80
C GLU A 186 -16.48 0.87 -33.72
N THR A 187 -15.88 2.06 -33.87
CA THR A 187 -16.07 3.16 -32.93
C THR A 187 -16.12 4.47 -33.73
N ALA A 188 -16.57 5.56 -33.11
CA ALA A 188 -16.63 6.84 -33.82
C ALA A 188 -15.24 7.38 -34.10
N ASN A 189 -14.25 6.83 -33.39
CA ASN A 189 -12.87 7.28 -33.57
C ASN A 189 -12.07 6.38 -34.52
N GLY A 190 -12.75 5.41 -35.12
CA GLY A 190 -12.10 4.51 -36.06
C GLY A 190 -12.32 3.04 -35.74
N SER A 191 -12.00 2.17 -36.69
CA SER A 191 -12.17 0.72 -36.51
C SER A 191 -10.80 0.13 -36.19
N TYR A 192 -10.78 -0.92 -35.36
CA TYR A 192 -9.54 -1.56 -34.99
C TYR A 192 -9.68 -3.06 -35.14
N THR A 193 -8.60 -3.72 -35.53
CA THR A 193 -8.62 -5.18 -35.73
C THR A 193 -7.53 -5.89 -34.92
N ALA A 194 -7.74 -7.16 -34.63
CA ALA A 194 -6.76 -7.93 -33.88
C ALA A 194 -7.02 -9.40 -34.14
N ASP A 195 -6.23 -10.24 -33.49
CA ASP A 195 -6.40 -11.69 -33.64
C ASP A 195 -7.38 -12.24 -32.59
N LYS A 196 -7.41 -11.60 -31.42
CA LYS A 196 -8.28 -12.05 -30.33
C LYS A 196 -8.99 -10.87 -29.67
N LEU A 197 -10.21 -11.11 -29.19
CA LEU A 197 -10.98 -10.07 -28.53
C LEU A 197 -11.40 -10.48 -27.12
N ILE A 198 -11.29 -9.56 -26.17
CA ILE A 198 -11.77 -9.81 -24.81
C ILE A 198 -12.88 -8.78 -24.61
N VAL A 199 -14.09 -9.23 -24.28
CA VAL A 199 -15.24 -8.34 -24.07
C VAL A 199 -15.58 -8.31 -22.57
N SER A 200 -15.46 -7.13 -21.97
CA SER A 200 -15.69 -6.95 -20.54
C SER A 200 -16.26 -5.56 -20.31
N MET A 201 -17.47 -5.34 -20.80
CA MET A 201 -18.10 -4.01 -20.73
C MET A 201 -18.97 -3.73 -19.51
N GLY A 202 -18.85 -4.57 -18.48
CA GLY A 202 -19.64 -4.36 -17.28
C GLY A 202 -21.14 -4.29 -17.53
N ALA A 203 -21.80 -3.31 -16.93
CA ALA A 203 -23.24 -3.19 -17.09
C ALA A 203 -23.64 -3.10 -18.55
N TRP A 204 -22.74 -2.64 -19.42
CA TRP A 204 -23.07 -2.52 -20.83
C TRP A 204 -23.08 -3.85 -21.56
N ASN A 205 -22.60 -4.90 -20.89
CA ASN A 205 -22.64 -6.24 -21.48
C ASN A 205 -24.11 -6.62 -21.73
N SER A 206 -25.01 -6.15 -20.87
CA SER A 206 -26.42 -6.48 -20.98
C SER A 206 -27.07 -5.92 -22.23
N LYS A 207 -26.49 -4.85 -22.78
CA LYS A 207 -27.02 -4.21 -23.97
C LYS A 207 -26.31 -4.57 -25.26
N LEU A 208 -24.99 -4.71 -25.19
CA LEU A 208 -24.17 -4.98 -26.37
C LEU A 208 -23.78 -6.39 -26.77
N LEU A 209 -23.97 -7.37 -25.90
CA LEU A 209 -23.58 -8.72 -26.29
C LEU A 209 -24.45 -9.24 -27.43
N SER A 210 -25.61 -8.61 -27.64
CA SER A 210 -26.49 -9.04 -28.72
C SER A 210 -25.80 -8.77 -30.05
N LYS A 211 -24.85 -7.84 -30.03
CA LYS A 211 -24.09 -7.50 -31.22
C LYS A 211 -23.09 -8.60 -31.55
N LEU A 212 -23.01 -9.60 -30.67
CA LEU A 212 -22.13 -10.75 -30.86
C LEU A 212 -23.02 -11.98 -30.99
N ASN A 213 -24.28 -11.74 -31.36
CA ASN A 213 -25.27 -12.79 -31.54
C ASN A 213 -25.49 -13.60 -30.26
N LEU A 214 -25.22 -12.99 -29.11
CA LEU A 214 -25.42 -13.66 -27.83
C LEU A 214 -26.67 -13.12 -27.17
N ASP A 215 -27.50 -14.03 -26.65
CA ASP A 215 -28.72 -13.63 -25.96
C ASP A 215 -28.64 -14.24 -24.57
N ILE A 216 -28.11 -13.49 -23.63
CA ILE A 216 -27.95 -13.97 -22.26
C ILE A 216 -28.65 -13.03 -21.27
N PRO A 217 -29.45 -13.58 -20.36
CA PRO A 217 -30.13 -12.72 -19.39
C PRO A 217 -29.13 -12.03 -18.49
N LEU A 218 -29.10 -10.70 -18.53
CA LEU A 218 -28.18 -9.95 -17.68
C LEU A 218 -28.94 -8.71 -17.27
N GLN A 219 -29.07 -8.52 -15.96
CA GLN A 219 -29.80 -7.37 -15.46
C GLN A 219 -28.98 -6.38 -14.65
N PRO A 220 -28.86 -5.13 -15.16
CA PRO A 220 -28.10 -4.11 -14.42
C PRO A 220 -28.96 -3.60 -13.27
N TYR A 221 -28.33 -3.34 -12.12
CA TYR A 221 -29.01 -2.82 -10.92
C TYR A 221 -28.27 -1.59 -10.41
N ARG A 222 -29.03 -0.61 -9.94
CA ARG A 222 -28.49 0.61 -9.37
C ARG A 222 -28.27 0.27 -7.90
N GLN A 223 -27.03 0.37 -7.43
CA GLN A 223 -26.69 0.03 -6.05
C GLN A 223 -25.91 1.15 -5.40
N VAL A 224 -26.50 1.74 -4.36
CA VAL A 224 -25.84 2.85 -3.69
C VAL A 224 -25.12 2.45 -2.42
N VAL A 225 -24.24 3.34 -1.99
CA VAL A 225 -23.49 3.17 -0.74
C VAL A 225 -23.39 4.55 -0.10
N GLY A 226 -23.38 4.57 1.23
CA GLY A 226 -23.27 5.83 1.93
C GLY A 226 -22.16 5.80 2.95
N PHE A 227 -21.51 6.95 3.13
CA PHE A 227 -20.42 7.15 4.10
C PHE A 227 -21.04 7.97 5.22
N PHE A 228 -20.95 7.46 6.45
CA PHE A 228 -21.55 8.16 7.59
C PHE A 228 -20.60 8.62 8.69
N GLU A 229 -20.85 9.80 9.23
CA GLU A 229 -20.03 10.32 10.32
C GLU A 229 -20.16 9.29 11.45
N SER A 230 -19.04 8.76 11.92
CA SER A 230 -19.07 7.72 12.94
C SER A 230 -18.19 7.99 14.14
N ASP A 231 -18.40 7.21 15.20
CA ASP A 231 -17.61 7.34 16.43
C ASP A 231 -16.28 6.68 16.08
N GLU A 232 -15.28 7.48 15.76
CA GLU A 232 -13.98 6.96 15.38
C GLU A 232 -13.33 6.03 16.40
N SER A 233 -13.69 6.19 17.68
CA SER A 233 -13.10 5.35 18.71
C SER A 233 -13.63 3.93 18.62
N LYS A 234 -14.64 3.71 17.77
CA LYS A 234 -15.19 2.36 17.61
C LYS A 234 -15.15 1.81 16.19
N TYR A 235 -15.34 2.69 15.22
CA TYR A 235 -15.42 2.25 13.82
C TYR A 235 -14.23 2.47 12.91
N SER A 236 -13.15 3.02 13.45
CA SER A 236 -11.97 3.26 12.65
C SER A 236 -11.19 1.99 12.35
N ASN A 237 -10.59 1.93 11.15
CA ASN A 237 -9.75 0.78 10.82
C ASN A 237 -8.57 0.74 11.82
N ASP A 238 -8.22 1.90 12.34
CA ASP A 238 -7.09 2.02 13.30
C ASP A 238 -7.35 1.27 14.60
N ILE A 239 -8.62 1.12 14.96
CA ILE A 239 -8.97 0.40 16.18
C ILE A 239 -9.49 -0.98 15.82
N ASP A 240 -9.10 -1.45 14.64
CA ASP A 240 -9.46 -2.76 14.13
C ASP A 240 -10.92 -3.09 13.88
N PHE A 241 -11.75 -2.08 13.59
CA PHE A 241 -13.13 -2.37 13.24
C PHE A 241 -12.96 -3.06 11.89
N PRO A 242 -13.70 -4.16 11.67
CA PRO A 242 -13.60 -4.91 10.42
C PRO A 242 -14.48 -4.54 9.24
N GLY A 243 -14.14 -5.10 8.09
CA GLY A 243 -15.01 -4.92 6.94
C GLY A 243 -16.07 -5.98 7.25
N PHE A 244 -17.25 -5.91 6.63
CA PHE A 244 -18.25 -6.90 6.94
C PHE A 244 -19.28 -7.13 5.85
N MET A 245 -19.88 -8.31 5.89
CA MET A 245 -20.92 -8.73 4.95
C MET A 245 -21.78 -9.63 5.83
N VAL A 246 -23.01 -9.18 6.08
CA VAL A 246 -23.90 -9.88 6.98
C VAL A 246 -25.30 -10.09 6.44
N GLU A 247 -25.99 -11.09 7.01
CA GLU A 247 -27.34 -11.37 6.57
C GLU A 247 -28.29 -11.33 7.75
N VAL A 248 -29.23 -10.41 7.68
CA VAL A 248 -30.24 -10.24 8.70
C VAL A 248 -31.58 -10.61 8.04
N PRO A 249 -32.66 -10.65 8.83
CA PRO A 249 -33.97 -10.99 8.24
C PRO A 249 -34.34 -10.32 6.92
N ASN A 250 -34.12 -9.01 6.80
CA ASN A 250 -34.51 -8.34 5.56
C ASN A 250 -33.46 -8.30 4.45
N GLY A 251 -32.38 -9.06 4.61
CA GLY A 251 -31.39 -9.10 3.55
C GLY A 251 -29.93 -9.05 3.95
N ILE A 252 -29.09 -8.79 2.95
CA ILE A 252 -27.64 -8.74 3.14
C ILE A 252 -27.11 -7.33 3.00
N TYR A 253 -26.22 -6.96 3.91
CA TYR A 253 -25.59 -5.66 3.92
C TYR A 253 -24.08 -5.87 4.00
N TYR A 254 -23.33 -4.88 3.52
CA TYR A 254 -21.87 -4.94 3.55
C TYR A 254 -21.33 -3.56 3.89
N GLY A 255 -20.19 -3.53 4.56
CA GLY A 255 -19.65 -2.25 4.97
C GLY A 255 -18.16 -2.28 5.22
N PHE A 256 -17.63 -1.09 5.48
CA PHE A 256 -16.21 -0.89 5.68
C PHE A 256 -15.93 0.00 6.89
N PRO A 257 -14.80 -0.22 7.57
CA PRO A 257 -14.46 0.62 8.71
C PRO A 257 -14.11 2.00 8.14
N SER A 258 -14.07 3.00 9.00
CA SER A 258 -13.74 4.34 8.57
C SER A 258 -12.23 4.41 8.35
N PHE A 259 -11.80 4.92 7.20
CA PHE A 259 -10.37 5.04 6.89
C PHE A 259 -9.98 6.52 6.90
N GLY A 260 -9.10 6.90 7.81
CA GLY A 260 -8.69 8.29 7.87
C GLY A 260 -9.86 9.22 8.11
N GLY A 261 -10.85 8.74 8.83
CA GLY A 261 -12.02 9.56 9.13
C GLY A 261 -13.01 9.79 7.99
N CYS A 262 -12.97 8.96 6.96
CA CYS A 262 -13.90 9.09 5.84
C CYS A 262 -15.31 8.67 6.23
N GLY A 263 -15.43 8.02 7.38
CA GLY A 263 -16.71 7.53 7.85
C GLY A 263 -16.93 6.06 7.49
N LEU A 264 -17.79 5.39 8.23
CA LEU A 264 -18.11 4.01 7.94
C LEU A 264 -18.91 3.99 6.65
N LYS A 265 -18.62 3.02 5.78
CA LYS A 265 -19.32 2.90 4.50
C LYS A 265 -20.23 1.69 4.54
N LEU A 266 -21.46 1.89 4.10
CA LEU A 266 -22.44 0.81 4.12
C LEU A 266 -23.21 0.72 2.82
N GLY A 267 -23.53 -0.52 2.45
CA GLY A 267 -24.32 -0.78 1.25
C GLY A 267 -25.34 -1.88 1.52
N TYR A 268 -26.48 -1.81 0.82
CA TYR A 268 -27.51 -2.85 0.95
C TYR A 268 -27.40 -3.68 -0.34
N HIS A 269 -27.03 -4.96 -0.18
CA HIS A 269 -26.79 -5.88 -1.30
C HIS A 269 -28.00 -6.51 -1.98
N THR A 270 -28.99 -6.87 -1.16
CA THR A 270 -30.21 -7.56 -1.58
C THR A 270 -31.11 -6.79 -2.51
N PHE A 271 -31.16 -5.48 -2.34
CA PHE A 271 -32.05 -4.67 -3.15
C PHE A 271 -31.35 -3.58 -3.93
N GLY A 272 -31.91 -3.32 -5.11
CA GLY A 272 -31.41 -2.27 -5.97
C GLY A 272 -32.45 -2.02 -7.05
N GLN A 273 -32.39 -0.88 -7.72
CA GLN A 273 -33.36 -0.60 -8.79
C GLN A 273 -32.90 -1.19 -10.13
N LYS A 274 -33.82 -1.85 -10.86
CA LYS A 274 -33.47 -2.37 -12.18
C LYS A 274 -33.32 -1.15 -13.07
N ILE A 275 -32.20 -1.06 -13.79
CA ILE A 275 -31.93 0.10 -14.63
C ILE A 275 -31.19 -0.26 -15.91
N ASP A 276 -30.96 0.77 -16.73
CA ASP A 276 -30.20 0.67 -17.97
C ASP A 276 -29.01 1.60 -17.71
N PRO A 277 -27.78 1.14 -17.98
CA PRO A 277 -26.60 1.98 -17.73
C PRO A 277 -26.53 3.30 -18.48
N ASP A 278 -27.37 3.45 -19.51
CA ASP A 278 -27.35 4.68 -20.29
C ASP A 278 -28.38 5.68 -19.79
N THR A 279 -29.33 5.24 -18.96
CA THR A 279 -30.32 6.17 -18.43
C THR A 279 -30.37 6.24 -16.91
N ILE A 280 -29.56 5.41 -16.23
CA ILE A 280 -29.52 5.40 -14.77
C ILE A 280 -29.22 6.77 -14.17
N ASN A 281 -29.87 7.08 -13.05
CA ASN A 281 -29.65 8.34 -12.35
C ASN A 281 -28.54 8.10 -11.31
N ARG A 282 -27.38 8.72 -11.51
CA ARG A 282 -26.25 8.53 -10.61
C ARG A 282 -26.17 9.46 -9.42
N GLU A 283 -27.28 10.12 -9.10
CA GLU A 283 -27.33 11.01 -7.94
C GLU A 283 -27.87 10.24 -6.73
N PHE A 284 -27.15 10.29 -5.62
CA PHE A 284 -27.55 9.60 -4.41
C PHE A 284 -28.66 10.41 -3.74
N GLY A 285 -29.69 9.71 -3.29
CA GLY A 285 -30.79 10.35 -2.59
C GLY A 285 -32.06 10.61 -3.40
N VAL A 286 -32.06 10.25 -4.68
CA VAL A 286 -33.23 10.46 -5.51
C VAL A 286 -34.35 9.47 -5.25
N TYR A 287 -34.03 8.39 -4.56
CA TYR A 287 -35.01 7.38 -4.18
C TYR A 287 -34.94 7.38 -2.66
N PRO A 288 -36.10 7.32 -1.98
CA PRO A 288 -36.15 7.33 -0.52
C PRO A 288 -35.35 6.19 0.09
N GLU A 289 -35.31 5.08 -0.63
CA GLU A 289 -34.59 3.89 -0.19
C GLU A 289 -33.08 4.10 -0.04
N ASP A 290 -32.51 5.02 -0.82
CA ASP A 290 -31.05 5.22 -0.80
C ASP A 290 -30.52 5.37 0.63
N GLU A 291 -31.03 6.38 1.33
CA GLU A 291 -30.58 6.63 2.68
C GLU A 291 -31.34 5.86 3.76
N SER A 292 -32.65 5.67 3.60
CA SER A 292 -33.43 5.00 4.64
C SER A 292 -33.05 3.53 4.86
N ASN A 293 -32.81 2.79 3.79
CA ASN A 293 -32.41 1.38 3.93
C ASN A 293 -31.08 1.24 4.70
N LEU A 294 -30.17 2.19 4.50
CA LEU A 294 -28.90 2.15 5.21
C LEU A 294 -29.10 2.49 6.70
N ARG A 295 -29.76 3.60 7.00
CA ARG A 295 -29.98 3.99 8.39
C ARG A 295 -30.76 2.99 9.23
N ALA A 296 -31.65 2.22 8.60
CA ALA A 296 -32.43 1.23 9.34
C ALA A 296 -31.49 0.11 9.83
N PHE A 297 -30.42 -0.15 9.08
CA PHE A 297 -29.46 -1.17 9.48
C PHE A 297 -28.59 -0.63 10.60
N LEU A 298 -28.03 0.55 10.38
CA LEU A 298 -27.16 1.19 11.37
C LEU A 298 -27.82 1.40 12.73
N GLU A 299 -29.05 1.93 12.74
CA GLU A 299 -29.73 2.18 14.01
C GLU A 299 -29.87 0.89 14.83
N GLU A 300 -30.00 -0.23 14.16
CA GLU A 300 -30.16 -1.52 14.83
C GLU A 300 -28.88 -2.26 15.22
N TYR A 301 -27.89 -2.28 14.33
CA TYR A 301 -26.66 -3.03 14.56
C TYR A 301 -25.36 -2.27 14.81
N MET A 302 -25.30 -1.02 14.38
CA MET A 302 -24.10 -0.22 14.55
C MET A 302 -24.55 1.22 14.78
N PRO A 303 -25.25 1.44 15.89
CA PRO A 303 -25.79 2.74 16.26
C PRO A 303 -24.83 3.91 16.32
N GLY A 304 -23.59 3.66 16.75
CA GLY A 304 -22.62 4.75 16.82
C GLY A 304 -22.13 5.22 15.46
N ALA A 305 -22.54 4.54 14.40
CA ALA A 305 -22.12 4.92 13.07
C ALA A 305 -23.30 5.54 12.29
N ASN A 306 -24.36 5.90 13.00
CA ASN A 306 -25.55 6.46 12.37
C ASN A 306 -25.57 7.99 12.40
N GLY A 307 -24.46 8.61 12.00
CA GLY A 307 -24.40 10.06 12.02
C GLY A 307 -24.72 10.73 10.69
N GLU A 308 -24.26 11.96 10.50
CA GLU A 308 -24.50 12.67 9.27
C GLU A 308 -24.02 11.88 8.06
N LEU A 309 -24.73 12.03 6.94
CA LEU A 309 -24.34 11.34 5.70
C LEU A 309 -23.25 12.23 5.12
N LYS A 310 -22.03 11.71 5.06
CA LYS A 310 -20.91 12.49 4.56
C LYS A 310 -20.83 12.47 3.05
N ARG A 311 -21.20 11.34 2.47
CA ARG A 311 -21.08 11.18 1.03
C ARG A 311 -21.90 9.97 0.59
N GLY A 312 -22.47 10.06 -0.60
CA GLY A 312 -23.23 8.97 -1.16
C GLY A 312 -22.70 8.68 -2.54
N ALA A 313 -22.71 7.43 -2.96
CA ALA A 313 -22.25 7.07 -4.31
C ALA A 313 -23.26 6.11 -4.94
N VAL A 314 -23.35 6.15 -6.27
CA VAL A 314 -24.28 5.29 -7.03
C VAL A 314 -23.45 4.47 -8.03
N CYS A 315 -23.59 3.16 -7.93
CA CYS A 315 -22.81 2.27 -8.77
C CYS A 315 -23.70 1.15 -9.33
N MET A 316 -23.18 0.24 -10.16
CA MET A 316 -24.04 -0.77 -10.78
C MET A 316 -23.58 -2.21 -10.66
N TYR A 317 -24.52 -3.13 -10.46
CA TYR A 317 -24.22 -4.56 -10.46
C TYR A 317 -24.77 -4.98 -11.81
N THR A 318 -24.33 -6.14 -12.28
CA THR A 318 -24.86 -6.73 -13.52
C THR A 318 -25.06 -8.19 -13.13
N LYS A 319 -26.32 -8.57 -12.88
CA LYS A 319 -26.64 -9.92 -12.42
C LYS A 319 -27.03 -10.96 -13.45
N THR A 320 -26.59 -12.19 -13.22
CA THR A 320 -26.97 -13.33 -14.04
C THR A 320 -28.08 -13.95 -13.19
N LEU A 321 -28.83 -14.88 -13.77
CA LEU A 321 -29.93 -15.51 -13.05
C LEU A 321 -29.48 -16.30 -11.83
N ASP A 322 -28.30 -16.92 -11.90
CA ASP A 322 -27.81 -17.71 -10.77
C ASP A 322 -26.77 -16.98 -9.95
N GLU A 323 -26.51 -15.73 -10.32
CA GLU A 323 -25.57 -14.86 -9.65
C GLU A 323 -24.12 -15.36 -9.63
N HIS A 324 -23.79 -16.20 -10.62
CA HIS A 324 -22.43 -16.68 -10.79
C HIS A 324 -21.93 -15.98 -12.05
N PHE A 325 -20.61 -15.76 -12.13
CA PHE A 325 -20.00 -15.07 -13.26
C PHE A 325 -20.05 -15.79 -14.58
N ILE A 326 -19.70 -15.06 -15.62
CA ILE A 326 -19.61 -15.63 -16.97
C ILE A 326 -18.18 -15.31 -17.39
N ILE A 327 -17.37 -16.35 -17.52
CA ILE A 327 -15.99 -16.21 -17.96
C ILE A 327 -15.78 -17.40 -18.88
N ASP A 328 -15.72 -17.14 -20.17
CA ASP A 328 -15.62 -18.25 -21.12
C ASP A 328 -15.40 -17.76 -22.54
N LEU A 329 -15.17 -18.69 -23.46
CA LEU A 329 -15.02 -18.31 -24.85
C LEU A 329 -16.41 -18.17 -25.46
N HIS A 330 -16.52 -17.37 -26.52
CA HIS A 330 -17.79 -17.22 -27.22
C HIS A 330 -18.05 -18.60 -27.83
N PRO A 331 -19.26 -19.14 -27.66
CA PRO A 331 -19.62 -20.46 -28.18
C PRO A 331 -19.33 -20.68 -29.65
N GLU A 332 -19.43 -19.61 -30.44
CA GLU A 332 -19.18 -19.72 -31.87
C GLU A 332 -17.88 -19.09 -32.35
N HIS A 333 -17.16 -18.43 -31.45
CA HIS A 333 -15.91 -17.77 -31.82
C HIS A 333 -14.85 -18.01 -30.78
N SER A 334 -13.95 -18.95 -31.04
CA SER A 334 -12.89 -19.28 -30.10
C SER A 334 -11.91 -18.13 -29.92
N ASN A 335 -11.96 -17.13 -30.80
CA ASN A 335 -11.07 -15.99 -30.69
C ASN A 335 -11.71 -14.81 -29.96
N VAL A 336 -12.83 -15.09 -29.29
CA VAL A 336 -13.55 -14.07 -28.53
C VAL A 336 -13.79 -14.57 -27.10
N VAL A 337 -13.35 -13.77 -26.14
CA VAL A 337 -13.49 -14.09 -24.72
C VAL A 337 -14.49 -13.14 -24.06
N ILE A 338 -15.41 -13.70 -23.28
CA ILE A 338 -16.44 -12.92 -22.61
C ILE A 338 -16.28 -12.92 -21.08
N ALA A 339 -16.37 -11.75 -20.46
CA ALA A 339 -16.29 -11.63 -19.00
C ALA A 339 -17.49 -10.78 -18.64
N ALA A 340 -18.51 -11.38 -18.03
CA ALA A 340 -19.71 -10.61 -17.72
C ALA A 340 -20.49 -11.15 -16.53
N GLY A 341 -21.45 -10.36 -16.08
CA GLY A 341 -22.34 -10.75 -15.00
C GLY A 341 -21.74 -11.01 -13.66
N PHE A 342 -20.89 -10.10 -13.18
CA PHE A 342 -20.25 -10.33 -11.90
C PHE A 342 -21.13 -10.21 -10.67
N SER A 343 -22.40 -9.92 -10.92
CA SER A 343 -23.45 -9.90 -9.90
C SER A 343 -23.18 -9.27 -8.54
N GLY A 344 -22.46 -8.16 -8.52
CA GLY A 344 -22.19 -7.48 -7.27
C GLY A 344 -21.09 -8.05 -6.38
N HIS A 345 -20.35 -9.06 -6.83
CA HIS A 345 -19.29 -9.60 -5.98
C HIS A 345 -18.02 -10.01 -6.73
N GLY A 346 -17.79 -9.39 -7.87
CA GLY A 346 -16.61 -9.77 -8.63
C GLY A 346 -15.34 -8.96 -8.50
N PHE A 347 -15.33 -7.79 -7.85
CA PHE A 347 -14.07 -7.05 -7.87
C PHE A 347 -12.89 -7.77 -7.24
N LYS A 348 -13.13 -8.43 -6.11
CA LYS A 348 -12.07 -9.13 -5.40
C LYS A 348 -11.34 -10.13 -6.27
N PHE A 349 -12.04 -10.67 -7.27
CA PHE A 349 -11.47 -11.67 -8.18
C PHE A 349 -10.88 -11.06 -9.44
N SER A 350 -10.97 -9.75 -9.59
CA SER A 350 -10.50 -9.13 -10.83
C SER A 350 -9.02 -9.39 -11.18
N SER A 351 -8.15 -9.50 -10.18
CA SER A 351 -6.73 -9.80 -10.46
C SER A 351 -6.65 -11.22 -11.06
N GLY A 352 -7.34 -12.18 -10.43
CA GLY A 352 -7.34 -13.54 -10.94
C GLY A 352 -8.03 -13.67 -12.29
N VAL A 353 -9.15 -12.97 -12.49
CA VAL A 353 -9.86 -13.01 -13.76
C VAL A 353 -8.98 -12.45 -14.88
N GLY A 354 -8.21 -11.41 -14.57
CA GLY A 354 -7.30 -10.82 -15.55
C GLY A 354 -6.42 -11.92 -16.09
N GLU A 355 -5.92 -12.73 -15.17
CA GLU A 355 -5.05 -13.86 -15.52
C GLU A 355 -5.80 -14.87 -16.37
N VAL A 356 -7.00 -15.25 -15.94
CA VAL A 356 -7.81 -16.19 -16.69
C VAL A 356 -8.07 -15.68 -18.10
N LEU A 357 -8.49 -14.42 -18.20
CA LEU A 357 -8.79 -13.85 -19.50
C LEU A 357 -7.59 -13.87 -20.41
N SER A 358 -6.43 -13.53 -19.87
CA SER A 358 -5.21 -13.52 -20.65
C SER A 358 -4.99 -14.91 -21.23
N GLN A 359 -5.10 -15.93 -20.38
CA GLN A 359 -4.87 -17.29 -20.83
C GLN A 359 -5.87 -17.74 -21.88
N LEU A 360 -7.14 -17.40 -21.70
CA LEU A 360 -8.15 -17.80 -22.67
C LEU A 360 -7.91 -17.14 -24.01
N ALA A 361 -7.56 -15.85 -23.99
CA ALA A 361 -7.31 -15.11 -25.21
C ALA A 361 -6.11 -15.61 -26.00
N LEU A 362 -5.05 -15.97 -25.30
CA LEU A 362 -3.83 -16.44 -25.97
C LEU A 362 -3.81 -17.92 -26.31
N THR A 363 -4.41 -18.76 -25.47
CA THR A 363 -4.37 -20.21 -25.73
C THR A 363 -5.71 -20.89 -25.91
N GLY A 364 -6.79 -20.19 -25.59
CA GLY A 364 -8.11 -20.80 -25.71
C GLY A 364 -8.41 -21.68 -24.52
N LYS A 365 -7.50 -21.71 -23.55
CA LYS A 365 -7.70 -22.52 -22.34
C LYS A 365 -7.07 -21.82 -21.14
N THR A 366 -7.34 -22.32 -19.95
CA THR A 366 -6.78 -21.73 -18.75
C THR A 366 -6.47 -22.81 -17.72
N GLU A 367 -5.40 -22.62 -16.95
CA GLU A 367 -5.00 -23.58 -15.91
C GLU A 367 -6.02 -23.57 -14.76
N HIS A 368 -6.82 -22.52 -14.68
CA HIS A 368 -7.84 -22.41 -13.64
C HIS A 368 -9.08 -23.24 -13.96
N ASP A 369 -9.81 -23.64 -12.94
CA ASP A 369 -11.04 -24.39 -13.17
C ASP A 369 -12.15 -23.34 -13.17
N ILE A 370 -12.73 -23.07 -14.34
CA ILE A 370 -13.79 -22.06 -14.46
C ILE A 370 -15.11 -22.62 -14.98
N SER A 371 -15.28 -23.93 -14.81
CA SER A 371 -16.48 -24.61 -15.27
C SER A 371 -17.74 -24.01 -14.71
N ILE A 372 -17.72 -23.59 -13.45
CA ILE A 372 -18.92 -23.02 -12.85
C ILE A 372 -19.32 -21.69 -13.51
N PHE A 373 -18.40 -21.08 -14.26
CA PHE A 373 -18.65 -19.80 -14.94
C PHE A 373 -18.92 -20.00 -16.43
N SER A 374 -19.15 -21.25 -16.81
CA SER A 374 -19.41 -21.62 -18.20
C SER A 374 -20.56 -20.80 -18.83
N ILE A 375 -20.33 -20.33 -20.06
CA ILE A 375 -21.34 -19.53 -20.75
C ILE A 375 -22.47 -20.40 -21.32
N ASN A 376 -22.29 -21.72 -21.27
CA ASN A 376 -23.30 -22.65 -21.77
C ASN A 376 -24.06 -23.36 -20.66
N ARG A 377 -23.78 -23.04 -19.41
CA ARG A 377 -24.47 -23.68 -18.31
C ARG A 377 -25.98 -23.38 -18.35
N PRO A 378 -26.80 -24.38 -18.06
CA PRO A 378 -28.26 -24.28 -18.06
C PRO A 378 -28.88 -23.19 -17.19
N ALA A 379 -28.33 -23.00 -16.00
CA ALA A 379 -28.88 -22.01 -15.10
C ALA A 379 -28.78 -20.60 -15.63
N LEU A 380 -27.98 -20.41 -16.68
CA LEU A 380 -27.78 -19.08 -17.25
C LEU A 380 -28.96 -18.68 -18.14
N LYS A 381 -29.45 -19.64 -18.92
CA LYS A 381 -30.55 -19.42 -19.86
C LYS A 381 -30.06 -18.72 -21.12
N GLU A 382 -28.82 -19.02 -21.51
CA GLU A 382 -28.17 -18.45 -22.69
C GLU A 382 -28.50 -19.16 -23.99
N SER A 383 -28.37 -18.42 -25.07
CA SER A 383 -28.61 -18.93 -26.42
C SER A 383 -28.18 -17.86 -27.41
N LEU A 384 -28.20 -18.18 -28.70
CA LEU A 384 -27.83 -17.21 -29.73
C LEU A 384 -29.04 -16.33 -30.03
N GLN A 385 -28.81 -15.22 -30.72
CA GLN A 385 -29.88 -14.28 -31.07
C GLN A 385 -30.63 -14.70 -32.33
N SER B 1 -1.23 16.88 35.63
CA SER B 1 -0.75 15.96 34.55
C SER B 1 -0.77 14.50 35.02
N THR B 2 -0.41 13.59 34.12
CA THR B 2 -0.41 12.17 34.44
C THR B 2 0.97 11.52 34.48
N HIS B 3 1.00 10.33 35.08
CA HIS B 3 2.20 9.51 35.19
C HIS B 3 1.94 8.36 34.22
N PHE B 4 2.87 8.13 33.31
CA PHE B 4 2.71 7.06 32.33
C PHE B 4 3.66 5.91 32.62
N ASP B 5 3.56 4.85 31.83
CA ASP B 5 4.45 3.72 31.98
C ASP B 5 5.77 4.11 31.29
N VAL B 6 5.64 4.74 30.12
CA VAL B 6 6.80 5.17 29.34
C VAL B 6 6.55 6.51 28.68
N ILE B 7 7.59 7.34 28.62
CA ILE B 7 7.51 8.63 27.95
C ILE B 7 8.53 8.62 26.83
N VAL B 8 8.11 9.04 25.63
CA VAL B 8 9.01 9.10 24.48
C VAL B 8 9.18 10.55 24.10
N VAL B 9 10.42 11.03 24.14
CA VAL B 9 10.73 12.41 23.80
C VAL B 9 11.29 12.38 22.38
N GLY B 10 10.51 12.90 21.43
CA GLY B 10 10.93 12.87 20.04
C GLY B 10 10.11 11.77 19.37
N ALA B 11 8.96 12.15 18.82
CA ALA B 11 8.05 11.19 18.22
C ALA B 11 8.18 11.19 16.72
N GLY B 12 9.41 10.99 16.25
CA GLY B 12 9.67 10.96 14.83
C GLY B 12 9.84 9.54 14.36
N SER B 13 10.78 9.33 13.45
CA SER B 13 11.05 8.02 12.87
C SER B 13 11.22 6.92 13.89
N MET B 14 12.11 7.11 14.86
CA MET B 14 12.34 6.07 15.87
C MET B 14 11.32 6.16 16.99
N GLY B 15 11.06 7.39 17.44
CA GLY B 15 10.11 7.62 18.52
C GLY B 15 8.68 7.17 18.26
N MET B 16 8.15 7.43 17.07
CA MET B 16 6.77 7.03 16.80
C MET B 16 6.67 5.52 16.65
N ALA B 17 7.70 4.91 16.09
CA ALA B 17 7.72 3.45 15.94
C ALA B 17 7.67 2.84 17.34
N ALA B 18 8.50 3.34 18.24
CA ALA B 18 8.55 2.84 19.60
C ALA B 18 7.19 3.02 20.29
N GLY B 19 6.55 4.17 20.07
CA GLY B 19 5.25 4.44 20.66
C GLY B 19 4.22 3.43 20.21
N TYR B 20 4.26 3.07 18.93
CA TYR B 20 3.31 2.09 18.41
C TYR B 20 3.53 0.72 19.04
N GLN B 21 4.79 0.30 19.11
CA GLN B 21 5.12 -1.00 19.70
C GLN B 21 4.69 -1.09 21.17
N LEU B 22 4.77 0.03 21.87
CA LEU B 22 4.39 0.07 23.27
C LEU B 22 2.86 0.15 23.41
N ALA B 23 2.24 1.07 22.68
CA ALA B 23 0.80 1.22 22.74
C ALA B 23 0.09 -0.07 22.38
N LYS B 24 0.70 -0.82 21.46
CA LYS B 24 0.14 -2.09 21.01
C LYS B 24 0.10 -3.12 22.12
N GLN B 25 0.95 -2.93 23.13
CA GLN B 25 1.02 -3.87 24.25
C GLN B 25 0.25 -3.40 25.48
N GLY B 26 -0.47 -2.30 25.34
CA GLY B 26 -1.24 -1.80 26.47
C GLY B 26 -0.38 -0.97 27.41
N VAL B 27 0.86 -0.76 27.02
CA VAL B 27 1.77 0.05 27.82
C VAL B 27 1.28 1.47 27.69
N LYS B 28 1.00 2.13 28.83
CA LYS B 28 0.53 3.50 28.83
C LYS B 28 1.70 4.35 28.41
N THR B 29 1.59 4.96 27.24
CA THR B 29 2.68 5.76 26.68
C THR B 29 2.35 7.22 26.42
N LEU B 30 3.37 8.06 26.60
CA LEU B 30 3.23 9.48 26.34
C LEU B 30 4.29 9.83 25.30
N LEU B 31 3.86 10.40 24.17
CA LEU B 31 4.76 10.79 23.10
C LEU B 31 4.78 12.31 22.98
N VAL B 32 5.95 12.90 23.17
CA VAL B 32 6.10 14.34 23.11
C VAL B 32 6.94 14.76 21.93
N ASP B 33 6.45 15.74 21.18
CA ASP B 33 7.20 16.21 20.03
C ASP B 33 7.18 17.71 19.88
N ALA B 34 8.33 18.27 19.50
CA ALA B 34 8.49 19.70 19.31
C ALA B 34 7.62 20.22 18.19
N PHE B 35 7.23 19.33 17.29
CA PHE B 35 6.38 19.72 16.18
C PHE B 35 5.16 18.81 16.09
N ASP B 36 4.63 18.61 14.89
CA ASP B 36 3.45 17.79 14.70
C ASP B 36 3.77 16.72 13.64
N PRO B 37 4.25 15.55 14.10
CA PRO B 37 4.62 14.40 13.24
C PRO B 37 3.49 13.76 12.45
N PRO B 38 3.76 13.44 11.19
CA PRO B 38 5.06 13.68 10.55
C PRO B 38 5.13 15.11 10.09
N HIS B 39 6.32 15.66 10.02
CA HIS B 39 6.48 17.05 9.60
C HIS B 39 7.70 17.23 8.72
N THR B 40 8.01 18.48 8.38
CA THR B 40 9.15 18.79 7.52
C THR B 40 10.26 19.58 8.21
N ASN B 41 10.40 19.40 9.53
CA ASN B 41 11.45 20.11 10.28
C ASN B 41 12.52 19.17 10.84
N GLY B 42 12.33 17.88 10.65
CA GLY B 42 13.29 16.91 11.15
C GLY B 42 14.05 16.18 10.06
N SER B 43 14.15 14.86 10.23
CA SER B 43 14.90 14.00 9.30
C SER B 43 14.07 12.99 8.51
N HIS B 44 12.74 13.07 8.56
CA HIS B 44 11.91 12.07 7.88
C HIS B 44 11.06 12.48 6.67
N HIS B 45 11.15 13.72 6.23
CA HIS B 45 10.34 14.12 5.08
C HIS B 45 11.05 13.91 3.74
N GLY B 46 10.44 14.38 2.66
CA GLY B 46 11.00 14.15 1.32
C GLY B 46 10.30 12.93 0.69
N ASP B 47 9.23 12.50 1.36
CA ASP B 47 8.36 11.39 0.95
C ASP B 47 8.89 9.98 0.97
N THR B 48 10.07 9.77 0.39
CA THR B 48 10.63 8.43 0.26
C THR B 48 11.98 8.13 0.89
N ARG B 49 12.16 6.85 1.23
CA ARG B 49 13.40 6.40 1.84
C ARG B 49 13.71 5.02 1.29
N ILE B 50 14.97 4.78 1.02
CA ILE B 50 15.44 3.51 0.50
C ILE B 50 15.59 2.48 1.62
N ILE B 51 15.20 1.23 1.37
CA ILE B 51 15.48 0.16 2.34
C ILE B 51 16.28 -0.88 1.55
N ARG B 52 17.46 -1.22 2.09
CA ARG B 52 18.38 -2.20 1.49
C ARG B 52 18.55 -3.32 2.52
N HIS B 53 18.94 -4.51 2.07
CA HIS B 53 19.15 -5.61 3.02
C HIS B 53 20.65 -5.92 2.99
N ALA B 54 21.21 -6.29 1.83
CA ALA B 54 22.66 -6.50 1.73
C ALA B 54 23.12 -5.09 2.08
N TYR B 55 23.95 -4.95 3.12
CA TYR B 55 24.32 -3.63 3.60
C TYR B 55 25.77 -3.17 3.48
N GLY B 56 26.01 -2.24 2.55
CA GLY B 56 27.33 -1.69 2.31
C GLY B 56 28.02 -1.05 3.49
N GLU B 57 27.26 -0.48 4.42
CA GLU B 57 27.84 0.16 5.59
C GLU B 57 28.35 -0.90 6.58
N GLY B 58 27.91 -2.13 6.42
CA GLY B 58 28.35 -3.18 7.32
C GLY B 58 27.41 -4.36 7.32
N ARG B 59 27.95 -5.55 7.03
CA ARG B 59 27.15 -6.77 6.99
C ARG B 59 26.41 -7.01 8.32
N GLU B 60 26.90 -6.43 9.41
CA GLU B 60 26.26 -6.64 10.71
C GLU B 60 24.88 -5.99 10.87
N TYR B 61 24.49 -5.19 9.88
CA TYR B 61 23.19 -4.53 9.90
C TYR B 61 22.11 -5.40 9.26
N VAL B 62 22.53 -6.41 8.50
CA VAL B 62 21.57 -7.25 7.78
C VAL B 62 20.44 -7.82 8.64
N PRO B 63 20.75 -8.43 9.79
CA PRO B 63 19.66 -8.97 10.60
C PRO B 63 18.56 -7.95 10.94
N LEU B 64 18.96 -6.75 11.39
CA LEU B 64 17.97 -5.72 11.73
C LEU B 64 17.27 -5.21 10.47
N ALA B 65 17.98 -5.21 9.35
CA ALA B 65 17.35 -4.77 8.10
C ALA B 65 16.26 -5.78 7.71
N LEU B 66 16.56 -7.06 7.84
CA LEU B 66 15.58 -8.08 7.47
C LEU B 66 14.37 -8.03 8.40
N ARG B 67 14.62 -7.87 9.68
CA ARG B 67 13.53 -7.79 10.66
C ARG B 67 12.69 -6.57 10.38
N SER B 68 13.35 -5.47 10.04
CA SER B 68 12.62 -4.23 9.77
C SER B 68 11.75 -4.40 8.55
N GLN B 69 12.25 -5.11 7.55
CA GLN B 69 11.47 -5.35 6.34
C GLN B 69 10.20 -6.13 6.73
N GLU B 70 10.32 -7.14 7.60
CA GLU B 70 9.14 -7.91 8.01
C GLU B 70 8.12 -6.97 8.66
N LEU B 71 8.60 -6.06 9.51
CA LEU B 71 7.73 -5.11 10.20
C LEU B 71 7.08 -4.11 9.24
N TRP B 72 7.77 -3.73 8.17
CA TRP B 72 7.16 -2.80 7.21
C TRP B 72 6.00 -3.50 6.49
N TYR B 73 6.16 -4.78 6.18
CA TYR B 73 5.09 -5.54 5.53
C TYR B 73 3.91 -5.69 6.50
N GLU B 74 4.21 -5.79 7.79
CA GLU B 74 3.13 -5.90 8.78
C GLU B 74 2.36 -4.59 8.81
N LEU B 75 3.10 -3.48 8.83
CA LEU B 75 2.48 -2.16 8.87
C LEU B 75 1.61 -1.92 7.64
N GLU B 76 2.10 -2.30 6.46
CA GLU B 76 1.33 -2.16 5.23
C GLU B 76 -0.08 -2.75 5.40
N LYS B 77 -0.16 -3.90 6.04
CA LYS B 77 -1.46 -4.54 6.19
C LYS B 77 -2.38 -3.91 7.22
N GLU B 78 -1.80 -3.11 8.08
CA GLU B 78 -2.53 -2.47 9.18
C GLU B 78 -3.18 -1.15 8.86
N THR B 79 -2.60 -0.41 7.91
CA THR B 79 -3.11 0.93 7.61
C THR B 79 -3.58 1.11 6.18
N HIS B 80 -4.23 2.25 5.93
CA HIS B 80 -4.68 2.57 4.57
C HIS B 80 -3.63 3.38 3.84
N HIS B 81 -2.59 3.83 4.56
CA HIS B 81 -1.50 4.60 3.96
C HIS B 81 -0.52 3.66 3.26
N LYS B 82 0.04 4.10 2.13
CA LYS B 82 1.01 3.29 1.40
C LYS B 82 2.30 3.25 2.20
N ILE B 83 2.85 2.06 2.39
CA ILE B 83 4.09 1.94 3.17
C ILE B 83 5.36 1.61 2.38
N PHE B 84 5.25 0.62 1.48
CA PHE B 84 6.42 0.11 0.75
C PHE B 84 6.15 -0.33 -0.69
N THR B 85 7.10 -0.03 -1.58
CA THR B 85 7.01 -0.47 -2.97
C THR B 85 8.33 -1.19 -3.26
N LYS B 86 8.24 -2.42 -3.78
CA LYS B 86 9.43 -3.22 -4.05
C LYS B 86 10.10 -2.87 -5.38
N THR B 87 10.72 -1.69 -5.41
CA THR B 87 11.41 -1.20 -6.61
C THR B 87 12.69 -1.96 -6.91
N GLY B 88 13.25 -2.59 -5.89
CA GLY B 88 14.53 -3.24 -6.06
C GLY B 88 15.54 -2.13 -5.81
N VAL B 89 16.76 -2.47 -5.41
CA VAL B 89 17.78 -1.46 -5.19
C VAL B 89 19.07 -1.84 -5.89
N LEU B 90 19.56 -0.91 -6.69
CA LEU B 90 20.79 -1.09 -7.45
C LEU B 90 21.97 -0.36 -6.81
N VAL B 91 23.06 -1.10 -6.64
CA VAL B 91 24.30 -0.55 -6.07
C VAL B 91 25.43 -0.75 -7.11
N PHE B 92 26.11 0.34 -7.48
CA PHE B 92 27.22 0.22 -8.42
C PHE B 92 28.36 1.19 -8.11
N GLY B 93 29.51 0.97 -8.75
CA GLY B 93 30.67 1.81 -8.54
C GLY B 93 31.84 1.26 -9.35
N PRO B 94 33.00 1.94 -9.36
CA PRO B 94 34.17 1.46 -10.11
C PRO B 94 34.54 0.10 -9.54
N LYS B 95 34.79 -0.86 -10.42
CA LYS B 95 35.14 -2.21 -9.98
C LYS B 95 36.41 -2.20 -9.13
N GLY B 96 36.33 -2.82 -7.96
CA GLY B 96 37.47 -2.92 -7.05
C GLY B 96 37.90 -1.62 -6.41
N GLU B 97 37.14 -0.55 -6.63
CA GLU B 97 37.47 0.75 -6.09
C GLU B 97 36.40 1.33 -5.16
N SER B 98 35.49 0.49 -4.71
CA SER B 98 34.45 0.95 -3.80
C SER B 98 34.24 -0.03 -2.66
N ALA B 99 34.58 0.40 -1.44
CA ALA B 99 34.40 -0.44 -0.28
C ALA B 99 32.91 -0.67 -0.04
N PHE B 100 32.10 0.33 -0.39
CA PHE B 100 30.65 0.24 -0.20
C PHE B 100 30.09 -0.87 -1.06
N VAL B 101 30.50 -0.89 -2.32
CA VAL B 101 30.04 -1.92 -3.23
C VAL B 101 30.52 -3.27 -2.78
N ALA B 102 31.80 -3.34 -2.42
CA ALA B 102 32.40 -4.60 -1.96
C ALA B 102 31.70 -5.20 -0.75
N GLU B 103 31.47 -4.40 0.30
CA GLU B 103 30.80 -4.87 1.50
C GLU B 103 29.33 -5.22 1.20
N THR B 104 28.71 -4.55 0.24
CA THR B 104 27.33 -4.88 -0.10
C THR B 104 27.35 -6.32 -0.64
N MET B 105 28.31 -6.61 -1.52
CA MET B 105 28.46 -7.95 -2.09
C MET B 105 28.77 -9.00 -1.02
N GLU B 106 29.68 -8.69 -0.11
CA GLU B 106 30.03 -9.63 0.96
C GLU B 106 28.83 -9.89 1.87
N ALA B 107 28.06 -8.85 2.14
CA ALA B 107 26.90 -8.99 3.02
C ALA B 107 25.88 -9.91 2.38
N ALA B 108 25.68 -9.75 1.08
CA ALA B 108 24.72 -10.57 0.34
C ALA B 108 25.16 -12.04 0.38
N LYS B 109 26.47 -12.25 0.25
CA LYS B 109 27.03 -13.60 0.29
C LYS B 109 26.89 -14.22 1.68
N GLU B 110 27.30 -13.49 2.69
CA GLU B 110 27.25 -13.98 4.07
C GLU B 110 25.85 -14.38 4.51
N HIS B 111 24.85 -13.66 4.04
CA HIS B 111 23.48 -13.98 4.43
C HIS B 111 22.72 -14.63 3.29
N SER B 112 23.45 -15.01 2.24
CA SER B 112 22.87 -15.65 1.07
C SER B 112 21.56 -14.99 0.68
N LEU B 113 21.67 -13.71 0.35
CA LEU B 113 20.52 -12.94 -0.07
C LEU B 113 20.38 -13.13 -1.58
N THR B 114 19.18 -12.90 -2.10
CA THR B 114 18.93 -13.06 -3.53
C THR B 114 19.36 -11.79 -4.25
N VAL B 115 20.39 -11.87 -5.08
CA VAL B 115 20.87 -10.70 -5.81
C VAL B 115 21.37 -11.03 -7.22
N ASP B 116 21.46 -10.00 -8.06
CA ASP B 116 21.97 -10.15 -9.41
C ASP B 116 23.28 -9.38 -9.46
N LEU B 117 24.30 -9.98 -10.07
CA LEU B 117 25.60 -9.35 -10.19
C LEU B 117 25.85 -9.08 -11.66
N LEU B 118 26.09 -7.82 -12.00
CA LEU B 118 26.37 -7.47 -13.38
C LEU B 118 27.44 -6.40 -13.43
N GLU B 119 28.02 -6.18 -14.60
CA GLU B 119 29.07 -5.19 -14.72
C GLU B 119 29.12 -4.58 -16.10
N GLY B 120 29.74 -3.41 -16.16
CA GLY B 120 29.90 -2.69 -17.40
C GLY B 120 28.63 -2.43 -18.16
N ASP B 121 28.71 -2.64 -19.46
CA ASP B 121 27.59 -2.41 -20.35
C ASP B 121 26.31 -3.18 -20.01
N GLU B 122 26.42 -4.26 -19.24
CA GLU B 122 25.23 -5.03 -18.87
C GLU B 122 24.29 -4.19 -18.00
N ILE B 123 24.86 -3.27 -17.24
CA ILE B 123 24.09 -2.39 -16.38
C ILE B 123 23.23 -1.50 -17.29
N ASN B 124 23.87 -0.89 -18.27
CA ASN B 124 23.16 -0.02 -19.20
C ASN B 124 22.16 -0.79 -20.04
N LYS B 125 22.47 -2.05 -20.34
CA LYS B 125 21.59 -2.90 -21.15
C LYS B 125 20.30 -3.21 -20.39
N ARG B 126 20.44 -3.60 -19.14
CA ARG B 126 19.26 -3.90 -18.33
C ARG B 126 18.41 -2.69 -17.99
N TRP B 127 19.05 -1.57 -17.68
CA TRP B 127 18.31 -0.37 -17.32
C TRP B 127 18.61 0.81 -18.22
N PRO B 128 17.82 0.96 -19.29
CA PRO B 128 18.11 2.10 -20.14
C PRO B 128 17.95 3.33 -19.26
N GLY B 129 18.76 4.35 -19.48
CA GLY B 129 18.66 5.54 -18.65
C GLY B 129 19.85 5.65 -17.73
N ILE B 130 20.58 4.55 -17.59
CA ILE B 130 21.78 4.53 -16.76
C ILE B 130 22.98 4.40 -17.72
N THR B 131 23.99 5.23 -17.52
CA THR B 131 25.19 5.17 -18.37
C THR B 131 26.41 5.23 -17.48
N VAL B 132 27.04 4.07 -17.27
CA VAL B 132 28.24 3.98 -16.44
C VAL B 132 29.40 3.50 -17.29
N PRO B 133 30.63 3.85 -16.88
CA PRO B 133 31.87 3.47 -17.58
C PRO B 133 31.92 1.94 -17.62
N GLU B 134 32.69 1.39 -18.55
CA GLU B 134 32.80 -0.06 -18.70
C GLU B 134 33.47 -0.77 -17.53
N ASN B 135 34.24 -0.04 -16.73
CA ASN B 135 34.92 -0.64 -15.59
C ASN B 135 34.08 -0.62 -14.32
N TYR B 136 32.79 -0.35 -14.44
CA TYR B 136 31.92 -0.32 -13.27
C TYR B 136 31.25 -1.67 -13.10
N ASN B 137 30.97 -2.05 -11.85
CA ASN B 137 30.29 -3.30 -11.58
C ASN B 137 29.17 -3.01 -10.60
N ALA B 138 28.19 -3.90 -10.52
CA ALA B 138 27.06 -3.66 -9.63
C ALA B 138 26.47 -4.91 -9.03
N ILE B 139 25.65 -4.68 -8.01
CA ILE B 139 24.90 -5.72 -7.33
C ILE B 139 23.48 -5.16 -7.19
N PHE B 140 22.51 -5.94 -7.65
CA PHE B 140 21.10 -5.54 -7.62
C PHE B 140 20.35 -6.45 -6.65
N GLU B 141 19.56 -5.84 -5.76
CA GLU B 141 18.73 -6.57 -4.79
C GLU B 141 17.29 -6.40 -5.23
N PRO B 142 16.68 -7.42 -5.85
CA PRO B 142 15.30 -7.25 -6.30
C PRO B 142 14.23 -7.13 -5.19
N ASN B 143 14.53 -7.64 -4.00
CA ASN B 143 13.57 -7.61 -2.88
C ASN B 143 13.59 -6.35 -2.03
N SER B 144 14.55 -5.46 -2.30
CA SER B 144 14.66 -4.22 -1.55
C SER B 144 13.75 -3.19 -2.20
N GLY B 145 13.66 -2.01 -1.63
CA GLY B 145 12.75 -1.07 -2.26
C GLY B 145 12.66 0.28 -1.60
N VAL B 146 11.47 0.83 -1.62
CA VAL B 146 11.25 2.18 -1.14
C VAL B 146 10.14 2.28 -0.12
N LEU B 147 10.42 2.99 0.96
CA LEU B 147 9.42 3.21 2.01
C LEU B 147 8.89 4.64 1.87
N PHE B 148 7.61 4.86 2.17
CA PHE B 148 7.03 6.19 2.13
C PHE B 148 7.05 6.62 3.59
N SER B 149 8.17 7.23 3.96
CA SER B 149 8.48 7.62 5.33
C SER B 149 7.50 8.42 6.11
N GLU B 150 6.91 9.44 5.48
CA GLU B 150 5.93 10.26 6.16
C GLU B 150 4.69 9.43 6.45
N ASN B 151 4.36 8.54 5.52
CA ASN B 151 3.21 7.66 5.69
C ASN B 151 3.48 6.70 6.85
N CYS B 152 4.71 6.19 6.93
CA CYS B 152 5.07 5.26 8.00
C CYS B 152 4.80 5.89 9.38
N ILE B 153 5.32 7.11 9.58
CA ILE B 153 5.16 7.80 10.86
C ILE B 153 3.71 8.12 11.13
N ARG B 154 3.02 8.64 10.13
CA ARG B 154 1.61 8.95 10.27
C ARG B 154 0.82 7.68 10.62
N ALA B 155 1.14 6.55 9.99
CA ALA B 155 0.42 5.29 10.29
C ALA B 155 0.69 4.84 11.73
N TYR B 156 1.96 4.81 12.14
CA TYR B 156 2.30 4.43 13.51
C TYR B 156 1.59 5.38 14.49
N ARG B 157 1.56 6.67 14.20
CA ARG B 157 0.89 7.59 15.10
C ARG B 157 -0.61 7.29 15.23
N GLU B 158 -1.28 7.15 14.09
CA GLU B 158 -2.72 6.87 14.10
C GLU B 158 -3.03 5.61 14.86
N LEU B 159 -2.24 4.58 14.64
CA LEU B 159 -2.45 3.30 15.28
C LEU B 159 -2.17 3.39 16.76
N ALA B 160 -1.13 4.13 17.13
CA ALA B 160 -0.76 4.25 18.52
C ALA B 160 -1.82 5.00 19.29
N GLU B 161 -2.21 6.19 18.80
CA GLU B 161 -3.24 6.97 19.47
C GLU B 161 -4.57 6.21 19.59
N ALA B 162 -4.96 5.52 18.52
CA ALA B 162 -6.19 4.73 18.57
C ALA B 162 -6.09 3.78 19.74
N ARG B 163 -4.88 3.34 20.05
CA ARG B 163 -4.69 2.41 21.15
C ARG B 163 -4.41 3.03 22.51
N GLY B 164 -4.69 4.33 22.64
CA GLY B 164 -4.52 5.00 23.91
C GLY B 164 -3.31 5.88 24.11
N ALA B 165 -2.29 5.70 23.26
CA ALA B 165 -1.10 6.52 23.41
C ALA B 165 -1.51 7.99 23.34
N LYS B 166 -0.84 8.81 24.14
CA LYS B 166 -1.11 10.25 24.14
C LYS B 166 0.02 10.93 23.39
N VAL B 167 -0.33 11.86 22.50
CA VAL B 167 0.67 12.57 21.70
C VAL B 167 0.60 14.08 21.84
N LEU B 168 1.58 14.68 22.53
CA LEU B 168 1.60 16.13 22.69
C LEU B 168 2.44 16.70 21.58
N THR B 169 1.88 17.66 20.86
CA THR B 169 2.59 18.27 19.76
C THR B 169 3.03 19.68 20.11
N HIS B 170 3.94 20.21 19.31
CA HIS B 170 4.45 21.56 19.50
C HIS B 170 4.86 21.76 20.95
N THR B 171 5.50 20.74 21.52
CA THR B 171 5.97 20.77 22.90
C THR B 171 7.44 20.35 22.97
N ARG B 172 8.30 21.32 23.25
CA ARG B 172 9.73 21.08 23.32
C ARG B 172 10.21 20.76 24.73
N VAL B 173 10.75 19.56 24.93
CA VAL B 173 11.26 19.22 26.25
C VAL B 173 12.59 19.94 26.38
N GLU B 174 12.81 20.60 27.51
CA GLU B 174 14.05 21.35 27.72
C GLU B 174 15.00 20.73 28.73
N ASP B 175 14.52 19.83 29.56
CA ASP B 175 15.41 19.24 30.54
C ASP B 175 14.82 17.95 31.10
N PHE B 176 15.65 17.19 31.78
CA PHE B 176 15.23 15.93 32.37
C PHE B 176 15.59 15.86 33.87
N ASP B 177 14.88 15.01 34.60
CA ASP B 177 15.12 14.78 36.02
C ASP B 177 14.91 13.27 36.21
N ILE B 178 16.01 12.53 36.26
CA ILE B 178 15.95 11.08 36.41
C ILE B 178 16.22 10.58 37.82
N SER B 179 15.46 9.55 38.21
CA SER B 179 15.59 8.93 39.52
C SER B 179 15.69 7.44 39.28
N PRO B 180 16.13 6.70 40.29
CA PRO B 180 16.26 5.25 40.15
C PRO B 180 14.95 4.55 39.81
N ASP B 181 13.83 5.15 40.22
CA ASP B 181 12.53 4.55 40.00
C ASP B 181 11.56 5.46 39.27
N SER B 182 12.06 6.53 38.66
CA SER B 182 11.18 7.47 37.97
C SER B 182 11.91 8.41 37.01
N VAL B 183 11.21 8.83 35.96
CA VAL B 183 11.78 9.76 35.01
C VAL B 183 10.78 10.89 34.94
N LYS B 184 11.26 12.11 34.78
CA LYS B 184 10.39 13.27 34.69
C LYS B 184 10.96 14.21 33.65
N ILE B 185 10.11 14.70 32.76
CA ILE B 185 10.58 15.60 31.71
C ILE B 185 10.12 17.02 31.96
N GLU B 186 10.94 17.97 31.55
CA GLU B 186 10.63 19.39 31.74
C GLU B 186 10.40 20.16 30.44
N THR B 187 9.20 20.67 30.30
CA THR B 187 8.84 21.47 29.13
C THR B 187 8.47 22.84 29.67
N ALA B 188 8.65 23.89 28.87
CA ALA B 188 8.27 25.21 29.33
C ALA B 188 6.76 25.11 29.61
N ASN B 189 6.13 24.13 28.96
CA ASN B 189 4.70 23.87 29.11
C ASN B 189 4.42 23.41 30.53
N GLY B 190 5.13 22.34 30.93
CA GLY B 190 4.98 21.77 32.25
C GLY B 190 5.94 20.61 32.46
N SER B 191 5.46 19.54 33.09
CA SER B 191 6.29 18.37 33.36
C SER B 191 5.43 17.12 33.58
N TYR B 192 5.95 15.98 33.14
CA TYR B 192 5.22 14.71 33.26
C TYR B 192 6.19 13.66 33.77
N THR B 193 5.64 12.55 34.30
CA THR B 193 6.48 11.49 34.84
C THR B 193 6.12 10.10 34.32
N ALA B 194 7.08 9.19 34.42
CA ALA B 194 6.88 7.83 33.97
C ALA B 194 7.93 6.98 34.65
N ASP B 195 7.85 5.67 34.41
CA ASP B 195 8.81 4.70 34.96
C ASP B 195 10.01 4.55 34.01
N LYS B 196 9.78 4.80 32.72
CA LYS B 196 10.84 4.66 31.71
C LYS B 196 10.85 5.84 30.75
N LEU B 197 12.02 6.13 30.20
CA LEU B 197 12.14 7.24 29.25
C LEU B 197 12.87 6.78 27.98
N ILE B 198 12.36 7.20 26.82
CA ILE B 198 13.01 6.89 25.55
C ILE B 198 13.36 8.25 24.95
N VAL B 199 14.62 8.47 24.59
CA VAL B 199 15.05 9.73 24.03
C VAL B 199 15.43 9.49 22.57
N SER B 200 14.69 10.14 21.67
CA SER B 200 14.92 9.98 20.23
C SER B 200 14.60 11.31 19.57
N MET B 201 15.38 12.33 19.88
CA MET B 201 15.14 13.67 19.35
C MET B 201 15.86 13.97 18.03
N GLY B 202 16.33 12.93 17.36
CA GLY B 202 17.00 13.14 16.09
C GLY B 202 18.11 14.19 16.10
N ALA B 203 18.05 15.16 15.19
CA ALA B 203 19.09 16.18 15.13
C ALA B 203 19.29 16.89 16.46
N TRP B 204 18.21 17.03 17.23
CA TRP B 204 18.29 17.73 18.50
C TRP B 204 19.00 16.94 19.59
N ASN B 205 19.32 15.68 19.30
CA ASN B 205 20.07 14.88 20.27
C ASN B 205 21.43 15.57 20.44
N SER B 206 21.92 16.22 19.38
CA SER B 206 23.21 16.90 19.45
C SER B 206 23.24 18.09 20.41
N LYS B 207 22.06 18.58 20.78
CA LYS B 207 21.98 19.74 21.67
C LYS B 207 21.44 19.43 23.06
N LEU B 208 20.60 18.41 23.16
CA LEU B 208 19.99 18.10 24.44
C LEU B 208 20.48 16.88 25.21
N LEU B 209 21.35 16.06 24.64
CA LEU B 209 21.83 14.89 25.38
C LEU B 209 22.70 15.30 26.58
N SER B 210 23.21 16.52 26.56
CA SER B 210 24.01 17.03 27.67
C SER B 210 23.12 17.14 28.92
N LYS B 211 21.82 17.32 28.69
CA LYS B 211 20.86 17.43 29.78
C LYS B 211 20.71 16.11 30.53
N LEU B 212 21.33 15.06 29.99
CA LEU B 212 21.34 13.74 30.60
C LEU B 212 22.79 13.41 30.95
N ASN B 213 23.62 14.44 30.96
CA ASN B 213 25.03 14.30 31.29
C ASN B 213 25.79 13.33 30.40
N LEU B 214 25.44 13.36 29.12
CA LEU B 214 26.09 12.55 28.11
C LEU B 214 26.88 13.51 27.23
N ASP B 215 28.12 13.17 26.92
CA ASP B 215 28.96 14.02 26.09
C ASP B 215 29.39 13.25 24.86
N ILE B 216 28.50 13.14 23.89
CA ILE B 216 28.78 12.37 22.68
C ILE B 216 28.78 13.26 21.44
N PRO B 217 29.84 13.18 20.63
CA PRO B 217 29.98 13.95 19.40
C PRO B 217 28.88 13.59 18.41
N LEU B 218 27.99 14.52 18.12
CA LEU B 218 26.93 14.30 17.16
C LEU B 218 26.89 15.54 16.28
N GLN B 219 27.03 15.36 14.97
CA GLN B 219 27.03 16.51 14.07
C GLN B 219 25.85 16.53 13.11
N PRO B 220 24.95 17.52 13.25
CA PRO B 220 23.79 17.62 12.35
C PRO B 220 24.29 18.13 10.98
N TYR B 221 23.71 17.64 9.90
CA TYR B 221 24.09 18.06 8.54
C TYR B 221 22.87 18.40 7.73
N ARG B 222 22.99 19.43 6.90
CA ARG B 222 21.89 19.83 6.02
C ARG B 222 22.04 19.01 4.75
N GLN B 223 21.01 18.21 4.45
CA GLN B 223 21.03 17.31 3.31
C GLN B 223 19.81 17.51 2.43
N VAL B 224 20.04 17.93 1.19
CA VAL B 224 18.94 18.18 0.28
C VAL B 224 18.71 17.08 -0.74
N VAL B 225 17.49 17.07 -1.26
CA VAL B 225 17.09 16.14 -2.32
C VAL B 225 16.27 16.93 -3.35
N GLY B 226 16.40 16.56 -4.62
CA GLY B 226 15.67 17.21 -5.69
C GLY B 226 14.92 16.19 -6.55
N PHE B 227 13.77 16.60 -7.07
CA PHE B 227 12.93 15.78 -7.96
C PHE B 227 13.06 16.43 -9.34
N PHE B 228 13.41 15.63 -10.34
CA PHE B 228 13.65 16.15 -11.68
C PHE B 228 12.75 15.56 -12.77
N GLU B 229 12.27 16.42 -13.66
CA GLU B 229 11.44 15.96 -14.76
C GLU B 229 12.32 14.95 -15.52
N SER B 230 11.81 13.74 -15.74
CA SER B 230 12.59 12.71 -16.41
C SER B 230 11.87 11.98 -17.54
N ASP B 231 12.64 11.21 -18.29
CA ASP B 231 12.09 10.41 -19.39
C ASP B 231 11.36 9.25 -18.73
N GLU B 232 10.05 9.38 -18.60
CA GLU B 232 9.24 8.36 -17.94
C GLU B 232 9.39 6.97 -18.55
N SER B 233 9.70 6.91 -19.84
CA SER B 233 9.86 5.63 -20.51
C SER B 233 11.09 4.89 -20.00
N LYS B 234 11.93 5.62 -19.26
CA LYS B 234 13.15 5.03 -18.72
C LYS B 234 13.24 5.03 -17.20
N TYR B 235 12.79 6.11 -16.57
CA TYR B 235 12.94 6.26 -15.11
C TYR B 235 11.77 6.01 -14.16
N SER B 236 10.61 5.67 -14.73
CA SER B 236 9.43 5.39 -13.93
C SER B 236 9.55 4.06 -13.20
N ASN B 237 9.00 4.00 -11.99
CA ASN B 237 8.96 2.77 -11.23
C ASN B 237 8.16 1.77 -12.08
N ASP B 238 7.21 2.27 -12.86
CA ASP B 238 6.36 1.43 -13.71
C ASP B 238 7.11 0.60 -14.72
N ILE B 239 8.29 1.06 -15.14
CA ILE B 239 9.07 0.32 -16.13
C ILE B 239 10.29 -0.31 -15.45
N ASP B 240 10.17 -0.49 -14.14
CA ASP B 240 11.20 -1.12 -13.30
C ASP B 240 12.52 -0.41 -13.08
N PHE B 241 12.53 0.91 -13.17
CA PHE B 241 13.75 1.62 -12.88
C PHE B 241 13.88 1.44 -11.36
N PRO B 242 15.08 1.11 -10.89
CA PRO B 242 15.26 0.91 -9.45
C PRO B 242 15.62 2.07 -8.56
N GLY B 243 15.54 1.79 -7.25
CA GLY B 243 16.02 2.77 -6.30
C GLY B 243 17.53 2.49 -6.43
N PHE B 244 18.36 3.42 -5.98
CA PHE B 244 19.80 3.19 -6.10
C PHE B 244 20.66 3.98 -5.11
N MET B 245 21.82 3.43 -4.78
CA MET B 245 22.80 4.08 -3.90
C MET B 245 24.10 3.64 -4.53
N VAL B 246 24.85 4.61 -5.03
CA VAL B 246 26.07 4.27 -5.74
C VAL B 246 27.27 5.10 -5.32
N GLU B 247 28.46 4.61 -5.67
CA GLU B 247 29.69 5.34 -5.33
C GLU B 247 30.49 5.65 -6.59
N VAL B 248 30.69 6.94 -6.84
CA VAL B 248 31.47 7.42 -7.99
C VAL B 248 32.70 8.17 -7.44
N PRO B 249 33.58 8.66 -8.33
CA PRO B 249 34.79 9.37 -7.88
C PRO B 249 34.58 10.46 -6.80
N ASN B 250 33.60 11.34 -6.98
CA ASN B 250 33.39 12.40 -5.98
C ASN B 250 32.45 12.08 -4.82
N GLY B 251 32.10 10.81 -4.65
CA GLY B 251 31.25 10.46 -3.53
C GLY B 251 30.11 9.50 -3.75
N ILE B 252 29.22 9.45 -2.77
CA ILE B 252 28.07 8.56 -2.84
C ILE B 252 26.79 9.31 -3.11
N TYR B 253 25.99 8.75 -4.03
CA TYR B 253 24.71 9.33 -4.40
C TYR B 253 23.61 8.27 -4.25
N TYR B 254 22.39 8.72 -3.99
CA TYR B 254 21.27 7.81 -3.87
C TYR B 254 20.07 8.40 -4.58
N GLY B 255 19.15 7.52 -4.98
CA GLY B 255 17.98 8.01 -5.68
C GLY B 255 16.83 7.04 -5.80
N PHE B 256 15.75 7.52 -6.37
CA PHE B 256 14.50 6.79 -6.52
C PHE B 256 13.91 6.94 -7.90
N PRO B 257 13.19 5.91 -8.39
CA PRO B 257 12.56 5.99 -9.70
C PRO B 257 11.41 6.99 -9.60
N SER B 258 10.93 7.46 -10.73
CA SER B 258 9.81 8.40 -10.74
C SER B 258 8.53 7.65 -10.36
N PHE B 259 7.76 8.21 -9.44
CA PHE B 259 6.51 7.57 -9.02
C PHE B 259 5.33 8.40 -9.52
N GLY B 260 4.47 7.82 -10.36
CA GLY B 260 3.34 8.57 -10.88
C GLY B 260 3.77 9.89 -11.51
N GLY B 261 4.92 9.90 -12.19
CA GLY B 261 5.40 11.11 -12.84
C GLY B 261 5.96 12.21 -11.94
N CYS B 262 6.16 11.90 -10.65
CA CYS B 262 6.71 12.90 -9.72
C CYS B 262 8.14 13.27 -10.11
N GLY B 263 8.74 12.46 -10.98
CA GLY B 263 10.11 12.70 -11.40
C GLY B 263 11.14 11.92 -10.58
N LEU B 264 12.32 11.71 -11.14
CA LEU B 264 13.36 11.00 -10.41
C LEU B 264 13.87 11.89 -9.29
N LYS B 265 14.14 11.30 -8.13
CA LYS B 265 14.64 12.04 -6.98
C LYS B 265 16.09 11.63 -6.70
N LEU B 266 16.94 12.61 -6.47
CA LEU B 266 18.35 12.35 -6.21
C LEU B 266 18.88 13.11 -5.01
N GLY B 267 19.82 12.49 -4.31
CA GLY B 267 20.47 13.11 -3.17
C GLY B 267 21.95 12.82 -3.23
N TYR B 268 22.75 13.72 -2.67
CA TYR B 268 24.22 13.56 -2.60
C TYR B 268 24.46 13.26 -1.12
N HIS B 269 24.92 12.05 -0.83
CA HIS B 269 25.12 11.57 0.53
C HIS B 269 26.41 12.01 1.25
N THR B 270 27.48 12.08 0.49
CA THR B 270 28.82 12.42 0.98
C THR B 270 28.99 13.81 1.55
N PHE B 271 28.32 14.78 0.97
CA PHE B 271 28.46 16.17 1.37
C PHE B 271 27.17 16.77 1.91
N GLY B 272 27.31 17.72 2.82
CA GLY B 272 26.17 18.42 3.40
C GLY B 272 26.71 19.55 4.25
N GLN B 273 25.90 20.56 4.57
CA GLN B 273 26.37 21.67 5.41
C GLN B 273 26.25 21.32 6.88
N LYS B 274 27.26 21.67 7.68
CA LYS B 274 27.20 21.46 9.13
C LYS B 274 26.28 22.56 9.66
N ILE B 275 25.26 22.17 10.40
CA ILE B 275 24.28 23.14 10.91
C ILE B 275 23.78 22.92 12.34
N ASP B 276 22.92 23.83 12.78
CA ASP B 276 22.29 23.78 14.08
C ASP B 276 20.83 23.59 13.73
N PRO B 277 20.22 22.49 14.21
CA PRO B 277 18.82 22.20 13.92
C PRO B 277 17.83 23.33 14.20
N ASP B 278 18.20 24.21 15.13
CA ASP B 278 17.35 25.32 15.50
C ASP B 278 17.47 26.51 14.53
N THR B 279 18.52 26.54 13.72
CA THR B 279 18.71 27.67 12.79
C THR B 279 18.93 27.28 11.33
N ILE B 280 18.75 26.00 11.00
CA ILE B 280 18.93 25.54 9.63
C ILE B 280 17.97 26.20 8.63
N ASN B 281 18.44 26.45 7.41
CA ASN B 281 17.59 27.05 6.38
C ASN B 281 17.05 25.92 5.52
N ARG B 282 15.74 25.68 5.59
CA ARG B 282 15.09 24.60 4.86
C ARG B 282 14.54 24.94 3.47
N GLU B 283 15.11 25.95 2.83
CA GLU B 283 14.68 26.35 1.50
C GLU B 283 15.64 25.74 0.47
N PHE B 284 15.13 24.89 -0.40
CA PHE B 284 16.00 24.25 -1.37
C PHE B 284 16.46 25.28 -2.37
N GLY B 285 17.74 25.26 -2.71
CA GLY B 285 18.24 26.22 -3.67
C GLY B 285 18.85 27.48 -3.07
N VAL B 286 18.83 27.62 -1.75
CA VAL B 286 19.40 28.82 -1.14
C VAL B 286 20.92 28.83 -1.39
N TYR B 287 21.52 27.65 -1.51
CA TYR B 287 22.96 27.55 -1.77
C TYR B 287 23.08 26.94 -3.14
N PRO B 288 24.00 27.46 -3.95
CA PRO B 288 24.20 26.94 -5.31
C PRO B 288 24.45 25.43 -5.40
N GLU B 289 25.10 24.87 -4.39
CA GLU B 289 25.43 23.45 -4.36
C GLU B 289 24.19 22.54 -4.31
N ASP B 290 23.09 23.04 -3.75
CA ASP B 290 21.86 22.26 -3.63
C ASP B 290 21.47 21.61 -4.94
N GLU B 291 21.35 22.42 -5.98
CA GLU B 291 20.98 21.88 -7.27
C GLU B 291 22.17 21.44 -8.11
N SER B 292 23.28 22.19 -8.07
CA SER B 292 24.43 21.85 -8.91
C SER B 292 25.10 20.50 -8.65
N ASN B 293 25.18 20.08 -7.38
CA ASN B 293 25.78 18.76 -7.09
C ASN B 293 24.95 17.60 -7.66
N LEU B 294 23.65 17.78 -7.71
CA LEU B 294 22.75 16.75 -8.24
C LEU B 294 22.83 16.70 -9.77
N ARG B 295 22.73 17.86 -10.43
CA ARG B 295 22.81 17.85 -11.89
C ARG B 295 24.15 17.33 -12.38
N ALA B 296 25.19 17.54 -11.60
CA ALA B 296 26.52 17.07 -11.98
C ALA B 296 26.52 15.55 -12.11
N PHE B 297 25.70 14.90 -11.29
CA PHE B 297 25.58 13.44 -11.33
C PHE B 297 24.66 12.98 -12.47
N LEU B 298 23.51 13.61 -12.59
CA LEU B 298 22.55 13.23 -13.63
C LEU B 298 23.14 13.36 -15.03
N GLU B 299 23.79 14.50 -15.27
CA GLU B 299 24.40 14.76 -16.57
C GLU B 299 25.30 13.63 -17.04
N GLU B 300 26.02 13.02 -16.11
CA GLU B 300 26.97 11.95 -16.42
C GLU B 300 26.47 10.51 -16.38
N TYR B 301 25.62 10.21 -15.41
CA TYR B 301 25.13 8.84 -15.26
C TYR B 301 23.66 8.56 -15.61
N MET B 302 22.82 9.59 -15.60
CA MET B 302 21.39 9.41 -15.91
C MET B 302 20.89 10.65 -16.61
N PRO B 303 21.38 10.89 -17.83
CA PRO B 303 21.08 12.02 -18.70
C PRO B 303 19.63 12.35 -18.96
N GLY B 304 18.80 11.31 -19.08
CA GLY B 304 17.39 11.52 -19.34
C GLY B 304 16.60 11.99 -18.14
N ALA B 305 17.24 12.01 -16.96
CA ALA B 305 16.56 12.48 -15.75
C ALA B 305 17.05 13.87 -15.33
N ASN B 306 17.83 14.52 -16.19
CA ASN B 306 18.38 15.85 -15.89
C ASN B 306 17.46 16.98 -16.38
N GLY B 307 16.16 16.80 -16.19
CA GLY B 307 15.23 17.81 -16.63
C GLY B 307 15.00 18.93 -15.64
N GLU B 308 13.88 19.62 -15.81
CA GLU B 308 13.54 20.71 -14.93
C GLU B 308 13.34 20.27 -13.49
N LEU B 309 13.75 21.11 -12.55
CA LEU B 309 13.59 20.81 -11.14
C LEU B 309 12.12 20.96 -10.81
N LYS B 310 11.50 19.90 -10.31
CA LYS B 310 10.08 19.96 -9.98
C LYS B 310 9.82 20.23 -8.50
N ARG B 311 10.75 19.83 -7.64
CA ARG B 311 10.56 20.00 -6.21
C ARG B 311 11.87 19.78 -5.46
N GLY B 312 12.00 20.42 -4.31
CA GLY B 312 13.21 20.26 -3.52
C GLY B 312 12.85 20.11 -2.05
N ALA B 313 13.66 19.40 -1.29
CA ALA B 313 13.40 19.24 0.14
C ALA B 313 14.72 19.35 0.89
N VAL B 314 14.65 19.88 2.12
CA VAL B 314 15.84 20.05 2.95
C VAL B 314 15.60 19.30 4.23
N CYS B 315 16.46 18.34 4.50
CA CYS B 315 16.29 17.54 5.70
C CYS B 315 17.64 17.34 6.41
N MET B 316 17.66 16.70 7.57
CA MET B 316 18.93 16.57 8.32
C MET B 316 19.41 15.17 8.66
N TYR B 317 20.74 14.99 8.63
CA TYR B 317 21.38 13.74 9.06
C TYR B 317 21.96 14.12 10.43
N THR B 318 22.26 13.13 11.27
CA THR B 318 22.91 13.43 12.57
C THR B 318 23.99 12.35 12.63
N LYS B 319 25.24 12.73 12.39
CA LYS B 319 26.34 11.77 12.34
C LYS B 319 27.14 11.56 13.60
N THR B 320 27.53 10.30 13.78
CA THR B 320 28.40 9.90 14.88
C THR B 320 29.77 9.82 14.19
N LEU B 321 30.85 9.75 14.96
CA LEU B 321 32.18 9.68 14.35
C LEU B 321 32.40 8.46 13.48
N ASP B 322 31.79 7.33 13.82
CA ASP B 322 31.98 6.13 13.00
C ASP B 322 30.80 5.83 12.08
N GLU B 323 29.84 6.75 12.08
CA GLU B 323 28.63 6.63 11.27
C GLU B 323 27.78 5.40 11.55
N HIS B 324 27.89 4.86 12.76
CA HIS B 324 27.05 3.75 13.18
C HIS B 324 26.11 4.32 14.21
N PHE B 325 24.93 3.71 14.36
CA PHE B 325 23.93 4.24 15.29
C PHE B 325 24.25 4.10 16.77
N ILE B 326 23.45 4.78 17.59
CA ILE B 326 23.55 4.68 19.03
C ILE B 326 22.16 4.20 19.47
N ILE B 327 22.08 2.99 20.01
CA ILE B 327 20.80 2.45 20.48
C ILE B 327 21.23 1.71 21.73
N ASP B 328 20.90 2.27 22.90
CA ASP B 328 21.37 1.64 24.14
C ASP B 328 20.74 2.29 25.37
N LEU B 329 20.99 1.68 26.52
CA LEU B 329 20.49 2.27 27.76
C LEU B 329 21.54 3.29 28.16
N HIS B 330 21.12 4.26 28.93
CA HIS B 330 22.00 5.29 29.45
C HIS B 330 22.87 4.53 30.45
N PRO B 331 24.20 4.64 30.36
CA PRO B 331 25.05 3.92 31.31
C PRO B 331 24.77 4.13 32.81
N GLU B 332 24.22 5.29 33.17
CA GLU B 332 23.92 5.61 34.58
C GLU B 332 22.45 5.40 34.96
N HIS B 333 21.61 5.09 33.98
CA HIS B 333 20.19 4.94 34.25
C HIS B 333 19.56 3.84 33.41
N SER B 334 19.31 2.69 34.01
CA SER B 334 18.71 1.58 33.27
C SER B 334 17.30 1.91 32.80
N ASN B 335 16.68 2.93 33.37
CA ASN B 335 15.32 3.31 32.97
C ASN B 335 15.29 4.39 31.89
N VAL B 336 16.41 4.61 31.22
CA VAL B 336 16.47 5.61 30.15
C VAL B 336 17.10 4.93 28.93
N VAL B 337 16.44 5.03 27.78
CA VAL B 337 16.91 4.43 26.53
C VAL B 337 17.21 5.55 25.54
N ILE B 338 18.33 5.40 24.82
CA ILE B 338 18.76 6.43 23.87
C ILE B 338 18.81 5.92 22.42
N ALA B 339 18.31 6.71 21.48
CA ALA B 339 18.35 6.34 20.06
C ALA B 339 18.83 7.57 19.33
N ALA B 340 20.04 7.49 18.79
CA ALA B 340 20.62 8.67 18.14
C ALA B 340 21.71 8.35 17.13
N GLY B 341 22.12 9.39 16.40
CA GLY B 341 23.20 9.30 15.43
C GLY B 341 22.98 8.38 14.24
N PHE B 342 21.79 8.40 13.67
CA PHE B 342 21.50 7.52 12.54
C PHE B 342 22.24 7.80 11.23
N SER B 343 23.13 8.78 11.29
CA SER B 343 24.03 9.12 10.19
C SER B 343 23.56 9.02 8.74
N GLY B 344 22.32 9.43 8.48
CA GLY B 344 21.79 9.40 7.12
C GLY B 344 21.34 8.07 6.57
N HIS B 345 21.33 7.00 7.37
CA HIS B 345 20.90 5.70 6.81
C HIS B 345 20.05 4.88 7.78
N GLY B 346 19.36 5.57 8.66
CA GLY B 346 18.55 4.88 9.66
C GLY B 346 17.07 4.67 9.43
N PHE B 347 16.45 5.39 8.50
CA PHE B 347 15.00 5.23 8.38
C PHE B 347 14.52 3.81 8.14
N LYS B 348 15.23 3.11 7.26
CA LYS B 348 14.87 1.76 6.91
C LYS B 348 14.80 0.83 8.12
N PHE B 349 15.54 1.16 9.17
CA PHE B 349 15.56 0.33 10.37
C PHE B 349 14.59 0.82 11.43
N SER B 350 13.90 1.94 11.19
CA SER B 350 13.04 2.48 12.24
C SER B 350 11.96 1.54 12.80
N SER B 351 11.38 0.67 11.97
CA SER B 351 10.39 -0.27 12.47
C SER B 351 11.10 -1.22 13.44
N GLY B 352 12.27 -1.72 13.04
CA GLY B 352 13.04 -2.61 13.88
C GLY B 352 13.53 -1.93 15.14
N VAL B 353 13.95 -0.68 15.01
CA VAL B 353 14.42 0.07 16.15
C VAL B 353 13.25 0.34 17.11
N GLY B 354 12.07 0.59 16.57
CA GLY B 354 10.93 0.81 17.44
C GLY B 354 10.73 -0.42 18.32
N GLU B 355 10.93 -1.60 17.75
CA GLU B 355 10.79 -2.87 18.48
C GLU B 355 11.90 -3.01 19.52
N VAL B 356 13.14 -2.75 19.12
CA VAL B 356 14.28 -2.81 20.04
C VAL B 356 14.08 -1.86 21.21
N LEU B 357 13.68 -0.63 20.91
CA LEU B 357 13.48 0.37 21.96
C LEU B 357 12.42 -0.05 22.94
N SER B 358 11.32 -0.62 22.43
CA SER B 358 10.23 -1.08 23.29
C SER B 358 10.75 -2.15 24.25
N GLN B 359 11.53 -3.09 23.72
CA GLN B 359 12.09 -4.16 24.55
C GLN B 359 13.07 -3.63 25.61
N LEU B 360 13.93 -2.67 25.25
CA LEU B 360 14.87 -2.09 26.20
C LEU B 360 14.12 -1.35 27.30
N ALA B 361 13.10 -0.59 26.93
CA ALA B 361 12.31 0.15 27.90
C ALA B 361 11.60 -0.75 28.92
N LEU B 362 11.02 -1.85 28.44
CA LEU B 362 10.29 -2.74 29.33
C LEU B 362 11.10 -3.79 30.10
N THR B 363 12.19 -4.26 29.51
CA THR B 363 12.99 -5.28 30.18
C THR B 363 14.47 -4.97 30.35
N GLY B 364 14.96 -3.87 29.78
CA GLY B 364 16.38 -3.57 29.93
C GLY B 364 17.24 -4.37 28.97
N LYS B 365 16.62 -5.07 28.02
CA LYS B 365 17.36 -5.84 27.04
C LYS B 365 16.53 -6.14 25.80
N THR B 366 17.19 -6.55 24.73
CA THR B 366 16.47 -6.86 23.50
C THR B 366 16.90 -8.20 22.91
N GLU B 367 16.04 -8.82 22.13
CA GLU B 367 16.38 -10.10 21.52
C GLU B 367 17.37 -9.95 20.37
N HIS B 368 17.52 -8.73 19.87
CA HIS B 368 18.44 -8.51 18.77
C HIS B 368 19.83 -8.13 19.23
N ASP B 369 20.82 -8.45 18.42
CA ASP B 369 22.18 -8.10 18.77
C ASP B 369 22.38 -6.64 18.39
N ILE B 370 22.50 -5.77 19.37
CA ILE B 370 22.68 -4.34 19.11
C ILE B 370 24.02 -3.84 19.62
N SER B 371 24.95 -4.77 19.79
CA SER B 371 26.28 -4.44 20.30
C SER B 371 27.02 -3.38 19.49
N ILE B 372 26.84 -3.37 18.17
CA ILE B 372 27.57 -2.40 17.36
C ILE B 372 27.00 -0.99 17.57
N PHE B 373 25.92 -0.88 18.33
CA PHE B 373 25.30 0.43 18.55
C PHE B 373 25.51 0.91 19.98
N SER B 374 26.37 0.22 20.72
CA SER B 374 26.65 0.58 22.11
C SER B 374 27.01 2.04 22.34
N ILE B 375 26.37 2.66 23.33
CA ILE B 375 26.64 4.06 23.64
C ILE B 375 27.98 4.23 24.35
N ASN B 376 28.57 3.12 24.76
CA ASN B 376 29.84 3.16 25.47
C ASN B 376 31.07 2.82 24.60
N ARG B 377 30.85 2.47 23.33
CA ARG B 377 31.98 2.16 22.47
C ARG B 377 32.90 3.37 22.30
N PRO B 378 34.21 3.15 22.42
CA PRO B 378 35.20 4.22 22.28
C PRO B 378 35.18 4.96 20.94
N ALA B 379 34.79 4.28 19.87
CA ALA B 379 34.78 4.86 18.53
C ALA B 379 33.89 6.09 18.43
N LEU B 380 33.00 6.23 19.38
CA LEU B 380 32.08 7.34 19.41
C LEU B 380 32.77 8.60 19.94
N LYS B 381 33.77 8.36 20.78
CA LYS B 381 34.49 9.41 21.49
C LYS B 381 33.53 9.92 22.58
N GLU B 382 32.81 8.97 23.16
CA GLU B 382 31.80 9.21 24.20
C GLU B 382 32.42 9.86 25.44
#